data_1LX8
#
_entry.id   1LX8
#
_entity_poly.entity_id   1
_entity_poly.type   'polypeptide(L)'
_entity_poly.pdbx_seq_one_letter_code
;MYLTLQEWNARQRRPRSLETVRRWVRESRIFPPPVKDGREYLFHESAVKVDLNRP
;
_entity_poly.pdbx_strand_id   A
#
# COMPACT_ATOMS: atom_id res chain seq x y z
N MET A 1 8.97 -12.76 -4.99
CA MET A 1 7.71 -13.48 -4.66
C MET A 1 6.77 -12.55 -3.90
N TYR A 2 6.90 -11.27 -4.09
CA TYR A 2 6.02 -10.30 -3.38
C TYR A 2 4.72 -10.13 -4.15
N LEU A 3 4.06 -9.01 -4.00
CA LEU A 3 2.77 -8.77 -4.72
C LEU A 3 2.74 -7.33 -5.23
N THR A 4 2.16 -7.11 -6.37
CA THR A 4 2.09 -5.72 -6.92
C THR A 4 0.95 -4.96 -6.25
N LEU A 5 0.89 -3.67 -6.45
CA LEU A 5 -0.19 -2.85 -5.84
C LEU A 5 -1.53 -3.55 -6.04
N GLN A 6 -1.87 -3.84 -7.26
CA GLN A 6 -3.17 -4.51 -7.56
C GLN A 6 -3.46 -5.62 -6.54
N GLU A 7 -2.71 -6.68 -6.56
CA GLU A 7 -2.96 -7.80 -5.62
C GLU A 7 -2.72 -7.34 -4.17
N TRP A 8 -1.73 -6.52 -3.96
CA TRP A 8 -1.44 -6.04 -2.57
C TRP A 8 -2.75 -5.61 -1.89
N ASN A 9 -3.64 -5.00 -2.62
CA ASN A 9 -4.93 -4.57 -2.01
C ASN A 9 -5.94 -5.72 -2.07
N ALA A 10 -5.80 -6.57 -3.04
CA ALA A 10 -6.75 -7.72 -3.16
C ALA A 10 -6.70 -8.56 -1.89
N ARG A 11 -5.73 -8.32 -1.04
CA ARG A 11 -5.62 -9.10 0.22
C ARG A 11 -6.49 -8.45 1.30
N GLN A 12 -6.69 -7.17 1.23
CA GLN A 12 -7.54 -6.49 2.25
C GLN A 12 -9.01 -6.84 2.00
N ARG A 13 -9.76 -7.12 3.04
CA ARG A 13 -11.19 -7.47 2.85
C ARG A 13 -12.01 -6.20 2.63
N ARG A 14 -11.38 -5.06 2.70
CA ARG A 14 -12.12 -3.78 2.48
C ARG A 14 -11.19 -2.73 1.87
N PRO A 15 -10.77 -2.95 0.66
CA PRO A 15 -9.87 -2.01 -0.08
C PRO A 15 -10.66 -0.89 -0.75
N ARG A 16 -10.02 -0.14 -1.61
CA ARG A 16 -10.72 0.98 -2.30
C ARG A 16 -10.03 1.26 -3.64
N SER A 17 -10.25 2.41 -4.20
CA SER A 17 -9.61 2.74 -5.51
C SER A 17 -8.09 2.76 -5.36
N LEU A 18 -7.38 2.77 -6.45
CA LEU A 18 -5.89 2.79 -6.39
C LEU A 18 -5.43 4.18 -5.98
N GLU A 19 -5.83 5.18 -6.72
CA GLU A 19 -5.40 6.57 -6.36
C GLU A 19 -5.77 6.83 -4.91
N THR A 20 -6.75 6.14 -4.40
CA THR A 20 -7.14 6.33 -2.99
C THR A 20 -5.98 5.83 -2.13
N VAL A 21 -5.38 4.73 -2.50
CA VAL A 21 -4.23 4.21 -1.72
C VAL A 21 -3.07 5.21 -1.83
N ARG A 22 -2.90 5.83 -2.98
CA ARG A 22 -1.79 6.81 -3.12
C ARG A 22 -1.88 7.83 -2.00
N ARG A 23 -3.08 8.20 -1.62
CA ARG A 23 -3.24 9.18 -0.51
C ARG A 23 -2.74 8.54 0.77
N TRP A 24 -3.07 7.30 0.98
CA TRP A 24 -2.62 6.61 2.21
C TRP A 24 -1.09 6.70 2.31
N VAL A 25 -0.41 6.37 1.25
CA VAL A 25 1.09 6.45 1.27
C VAL A 25 1.52 7.88 1.58
N ARG A 26 0.85 8.85 1.01
CA ARG A 26 1.23 10.27 1.30
C ARG A 26 1.11 10.53 2.80
N GLU A 27 0.08 10.02 3.41
CA GLU A 27 -0.11 10.23 4.87
C GLU A 27 0.79 9.25 5.64
N SER A 28 1.59 8.50 4.93
CA SER A 28 2.50 7.54 5.61
C SER A 28 1.68 6.54 6.42
N ARG A 29 0.58 6.07 5.88
CA ARG A 29 -0.26 5.09 6.62
C ARG A 29 0.25 3.68 6.33
N ILE A 30 0.88 3.49 5.20
CA ILE A 30 1.42 2.14 4.85
C ILE A 30 2.92 2.12 5.15
N PHE A 31 3.50 0.95 5.26
CA PHE A 31 4.96 0.90 5.56
C PHE A 31 5.48 -0.55 5.37
N PRO A 32 6.65 -0.76 4.80
CA PRO A 32 7.55 0.32 4.27
C PRO A 32 7.06 0.86 2.90
N PRO A 33 7.21 2.14 2.62
CA PRO A 33 6.77 2.72 1.32
C PRO A 33 7.13 1.81 0.14
N PRO A 34 6.44 1.95 -0.98
CA PRO A 34 6.72 1.12 -2.19
C PRO A 34 7.98 1.57 -2.91
N VAL A 35 8.47 0.78 -3.84
CA VAL A 35 9.70 1.17 -4.58
C VAL A 35 9.31 2.09 -5.73
N LYS A 36 9.74 3.33 -5.69
CA LYS A 36 9.41 4.27 -6.78
C LYS A 36 10.27 3.93 -8.00
N ASP A 37 9.95 2.85 -8.66
CA ASP A 37 10.76 2.45 -9.85
C ASP A 37 10.60 3.50 -10.97
N GLY A 38 11.09 4.69 -10.74
CA GLY A 38 10.98 5.74 -11.78
C GLY A 38 9.52 6.18 -11.94
N ARG A 39 8.62 5.25 -12.15
CA ARG A 39 7.18 5.61 -12.32
C ARG A 39 6.27 4.54 -11.71
N GLU A 40 6.75 3.32 -11.62
CA GLU A 40 5.90 2.23 -11.05
C GLU A 40 6.05 2.18 -9.53
N TYR A 41 5.33 1.28 -8.89
CA TYR A 41 5.41 1.15 -7.42
C TYR A 41 5.29 -0.32 -7.02
N LEU A 42 6.36 -0.92 -6.60
CA LEU A 42 6.31 -2.36 -6.20
C LEU A 42 5.95 -2.45 -4.72
N PHE A 43 4.87 -3.12 -4.41
CA PHE A 43 4.46 -3.24 -2.97
C PHE A 43 5.03 -4.53 -2.39
N HIS A 44 6.19 -4.44 -1.79
CA HIS A 44 6.82 -5.64 -1.20
C HIS A 44 5.82 -6.34 -0.26
N GLU A 45 5.97 -7.63 -0.08
CA GLU A 45 5.03 -8.35 0.82
C GLU A 45 5.13 -7.78 2.24
N SER A 46 6.04 -6.87 2.45
CA SER A 46 6.19 -6.26 3.80
C SER A 46 5.32 -5.01 3.92
N ALA A 47 4.69 -4.62 2.85
CA ALA A 47 3.82 -3.41 2.90
C ALA A 47 2.49 -3.76 3.58
N VAL A 48 2.02 -2.91 4.45
CA VAL A 48 0.74 -3.19 5.15
C VAL A 48 0.11 -1.87 5.59
N LYS A 49 -1.19 -1.77 5.60
CA LYS A 49 -1.83 -0.50 6.05
C LYS A 49 -1.87 -0.46 7.57
N VAL A 50 -1.28 0.54 8.16
CA VAL A 50 -1.27 0.64 9.66
C VAL A 50 -2.54 1.34 10.13
N ASP A 51 -2.87 1.20 11.38
CA ASP A 51 -4.10 1.86 11.92
C ASP A 51 -3.70 3.11 12.72
N LEU A 52 -3.50 2.96 14.00
CA LEU A 52 -3.10 4.13 14.86
C LEU A 52 -1.93 3.73 15.75
N ASN A 53 -2.20 2.98 16.78
CA ASN A 53 -1.10 2.55 17.70
C ASN A 53 -1.63 1.48 18.66
N ARG A 54 -2.05 0.35 18.14
CA ARG A 54 -2.58 -0.72 19.03
C ARG A 54 -2.52 -2.06 18.28
N PRO A 55 -1.35 -2.60 18.07
CA PRO A 55 -1.17 -3.89 17.36
C PRO A 55 -1.42 -5.10 18.27
N MET A 1 5.99 -14.18 -2.45
CA MET A 1 6.21 -13.48 -3.74
C MET A 1 5.95 -11.98 -3.56
N TYR A 2 6.59 -11.16 -4.34
CA TYR A 2 6.39 -9.69 -4.20
C TYR A 2 4.97 -9.33 -4.65
N LEU A 3 4.24 -8.60 -3.85
CA LEU A 3 2.85 -8.21 -4.21
C LEU A 3 2.83 -6.75 -4.69
N THR A 4 2.45 -6.52 -5.92
CA THR A 4 2.42 -5.13 -6.44
C THR A 4 1.19 -4.41 -5.89
N LEU A 5 1.14 -3.12 -6.05
CA LEU A 5 -0.03 -2.34 -5.54
C LEU A 5 -1.33 -3.07 -5.92
N GLN A 6 -1.52 -3.31 -7.18
CA GLN A 6 -2.76 -4.01 -7.62
C GLN A 6 -3.04 -5.23 -6.74
N GLU A 7 -2.15 -6.18 -6.71
CA GLU A 7 -2.38 -7.40 -5.88
C GLU A 7 -2.34 -7.02 -4.40
N TRP A 8 -1.34 -6.28 -3.99
CA TRP A 8 -1.25 -5.88 -2.55
C TRP A 8 -2.61 -5.42 -2.04
N ASN A 9 -3.34 -4.70 -2.83
CA ASN A 9 -4.69 -4.22 -2.39
C ASN A 9 -5.71 -5.34 -2.57
N ALA A 10 -5.70 -5.98 -3.71
CA ALA A 10 -6.68 -7.08 -3.96
C ALA A 10 -6.46 -8.20 -2.94
N ARG A 11 -5.52 -8.03 -2.05
CA ARG A 11 -5.26 -9.09 -1.03
C ARG A 11 -6.18 -8.88 0.18
N GLN A 12 -6.42 -7.65 0.54
CA GLN A 12 -7.32 -7.37 1.69
C GLN A 12 -8.76 -7.68 1.29
N ARG A 13 -9.53 -8.27 2.18
CA ARG A 13 -10.95 -8.59 1.85
C ARG A 13 -11.81 -7.34 2.03
N ARG A 14 -11.21 -6.24 2.40
CA ARG A 14 -12.00 -4.97 2.59
C ARG A 14 -11.12 -3.78 2.21
N PRO A 15 -10.75 -3.68 0.96
CA PRO A 15 -9.91 -2.56 0.46
C PRO A 15 -10.76 -1.33 0.11
N ARG A 16 -10.25 -0.47 -0.74
CA ARG A 16 -11.03 0.74 -1.13
C ARG A 16 -10.70 1.11 -2.58
N SER A 17 -10.48 2.37 -2.85
CA SER A 17 -10.17 2.79 -4.26
C SER A 17 -8.65 2.84 -4.45
N LEU A 18 -8.21 2.77 -5.68
CA LEU A 18 -6.74 2.81 -5.95
C LEU A 18 -6.26 4.25 -5.74
N GLU A 19 -7.04 5.22 -6.12
CA GLU A 19 -6.62 6.63 -5.92
C GLU A 19 -6.60 6.91 -4.41
N THR A 20 -7.37 6.16 -3.67
CA THR A 20 -7.37 6.37 -2.20
C THR A 20 -5.99 5.92 -1.68
N VAL A 21 -5.44 4.90 -2.29
CA VAL A 21 -4.09 4.44 -1.86
C VAL A 21 -3.07 5.54 -2.18
N ARG A 22 -3.23 6.20 -3.30
CA ARG A 22 -2.25 7.28 -3.64
C ARG A 22 -2.16 8.24 -2.45
N ARG A 23 -3.27 8.50 -1.82
CA ARG A 23 -3.27 9.40 -0.65
C ARG A 23 -2.54 8.71 0.49
N TRP A 24 -2.74 7.42 0.64
CA TRP A 24 -2.06 6.68 1.74
C TRP A 24 -0.55 6.88 1.60
N VAL A 25 -0.01 6.61 0.45
CA VAL A 25 1.46 6.78 0.25
C VAL A 25 1.85 8.21 0.58
N ARG A 26 1.00 9.15 0.27
CA ARG A 26 1.32 10.58 0.58
C ARG A 26 1.33 10.78 2.09
N GLU A 27 0.38 10.20 2.77
CA GLU A 27 0.33 10.35 4.26
C GLU A 27 1.33 9.40 4.90
N SER A 28 2.17 8.77 4.11
CA SER A 28 3.17 7.83 4.68
C SER A 28 2.47 6.75 5.51
N ARG A 29 1.34 6.27 5.05
CA ARG A 29 0.61 5.22 5.81
C ARG A 29 1.11 3.84 5.38
N ILE A 30 1.68 3.75 4.20
CA ILE A 30 2.19 2.44 3.72
C ILE A 30 3.50 2.13 4.45
N PHE A 31 3.62 0.95 5.03
CA PHE A 31 4.89 0.60 5.75
C PHE A 31 5.25 -0.88 5.48
N PRO A 32 6.44 -1.20 4.97
CA PRO A 32 7.52 -0.22 4.59
C PRO A 32 7.20 0.49 3.26
N PRO A 33 7.52 1.76 3.11
CA PRO A 33 7.25 2.49 1.84
C PRO A 33 7.56 1.63 0.60
N PRO A 34 6.82 1.78 -0.48
CA PRO A 34 7.05 0.99 -1.73
C PRO A 34 8.27 1.51 -2.52
N VAL A 35 8.75 0.73 -3.45
CA VAL A 35 9.93 1.17 -4.25
C VAL A 35 9.44 2.05 -5.41
N LYS A 36 9.82 3.29 -5.42
CA LYS A 36 9.38 4.19 -6.51
C LYS A 36 10.16 3.83 -7.78
N ASP A 37 9.79 2.75 -8.43
CA ASP A 37 10.52 2.33 -9.66
C ASP A 37 10.29 3.37 -10.76
N GLY A 38 10.79 4.56 -10.58
CA GLY A 38 10.62 5.61 -11.62
C GLY A 38 9.15 6.01 -11.74
N ARG A 39 8.29 5.06 -11.99
CA ARG A 39 6.82 5.38 -12.14
C ARG A 39 5.97 4.35 -11.40
N GLU A 40 6.43 3.13 -11.29
CA GLU A 40 5.63 2.08 -10.61
C GLU A 40 5.91 2.11 -9.10
N TYR A 41 5.25 1.24 -8.37
CA TYR A 41 5.45 1.17 -6.89
C TYR A 41 5.32 -0.28 -6.43
N LEU A 42 6.41 -0.90 -6.08
CA LEU A 42 6.34 -2.32 -5.63
C LEU A 42 5.92 -2.36 -4.15
N PHE A 43 4.85 -3.03 -3.85
CA PHE A 43 4.39 -3.12 -2.43
C PHE A 43 5.02 -4.36 -1.80
N HIS A 44 5.87 -4.17 -0.82
CA HIS A 44 6.54 -5.32 -0.15
C HIS A 44 5.56 -6.48 0.06
N GLU A 45 6.05 -7.68 0.11
CA GLU A 45 5.15 -8.85 0.32
C GLU A 45 4.64 -8.85 1.76
N SER A 46 4.79 -7.76 2.45
CA SER A 46 4.32 -7.68 3.86
C SER A 46 3.94 -6.24 4.21
N ALA A 47 3.59 -5.45 3.22
CA ALA A 47 3.22 -4.04 3.52
C ALA A 47 1.82 -4.02 4.13
N VAL A 48 1.56 -3.06 4.97
CA VAL A 48 0.22 -2.97 5.62
C VAL A 48 -0.07 -1.51 5.93
N LYS A 49 -1.31 -1.10 5.88
CA LYS A 49 -1.64 0.31 6.19
C LYS A 49 -1.76 0.48 7.70
N VAL A 50 -1.40 1.64 8.21
CA VAL A 50 -1.49 1.88 9.67
C VAL A 50 -2.82 2.58 9.99
N ASP A 51 -3.23 2.54 11.23
CA ASP A 51 -4.51 3.21 11.63
C ASP A 51 -4.20 4.51 12.37
N LEU A 52 -4.27 4.48 13.67
CA LEU A 52 -3.98 5.72 14.45
C LEU A 52 -4.74 6.90 13.86
N ASN A 53 -6.01 6.71 13.57
CA ASN A 53 -6.81 7.82 12.98
C ASN A 53 -7.23 8.78 14.10
N ARG A 54 -7.02 8.40 15.34
CA ARG A 54 -7.41 9.30 16.46
C ARG A 54 -8.89 9.70 16.32
N PRO A 55 -9.78 8.81 16.66
CA PRO A 55 -11.25 9.07 16.58
C PRO A 55 -11.65 10.39 17.24
N MET A 1 6.54 -14.14 -2.55
CA MET A 1 6.95 -13.42 -3.78
C MET A 1 6.58 -11.94 -3.65
N TYR A 2 7.08 -11.12 -4.53
CA TYR A 2 6.76 -9.66 -4.45
C TYR A 2 5.32 -9.43 -4.97
N LEU A 3 4.53 -8.71 -4.23
CA LEU A 3 3.12 -8.43 -4.66
C LEU A 3 3.01 -7.01 -5.20
N THR A 4 2.45 -6.85 -6.37
CA THR A 4 2.31 -5.48 -6.94
C THR A 4 1.16 -4.77 -6.22
N LEU A 5 1.04 -3.48 -6.42
CA LEU A 5 -0.06 -2.74 -5.75
C LEU A 5 -1.38 -3.50 -5.93
N GLN A 6 -1.76 -3.75 -7.15
CA GLN A 6 -3.02 -4.49 -7.41
C GLN A 6 -3.12 -5.71 -6.49
N GLU A 7 -2.12 -6.55 -6.51
CA GLU A 7 -2.14 -7.76 -5.64
C GLU A 7 -2.13 -7.35 -4.17
N TRP A 8 -1.48 -6.27 -3.85
CA TRP A 8 -1.43 -5.81 -2.44
C TRP A 8 -2.85 -5.61 -1.92
N ASN A 9 -3.63 -4.83 -2.60
CA ASN A 9 -5.04 -4.59 -2.15
C ASN A 9 -5.87 -5.86 -2.39
N ALA A 10 -5.49 -6.64 -3.36
CA ALA A 10 -6.26 -7.88 -3.65
C ALA A 10 -6.28 -8.77 -2.40
N ARG A 11 -5.34 -8.59 -1.51
CA ARG A 11 -5.32 -9.42 -0.27
C ARG A 11 -6.21 -8.77 0.79
N GLN A 12 -6.42 -7.48 0.70
CA GLN A 12 -7.29 -6.80 1.69
C GLN A 12 -8.75 -7.17 1.42
N ARG A 13 -9.48 -7.55 2.43
CA ARG A 13 -10.90 -7.94 2.21
C ARG A 13 -11.76 -6.68 2.07
N ARG A 14 -11.17 -5.52 2.21
CA ARG A 14 -11.96 -4.26 2.08
C ARG A 14 -11.06 -3.12 1.59
N PRO A 15 -10.61 -3.21 0.36
CA PRO A 15 -9.74 -2.17 -0.25
C PRO A 15 -10.55 -0.99 -0.82
N ARG A 16 -9.91 -0.16 -1.59
CA ARG A 16 -10.63 1.01 -2.19
C ARG A 16 -9.97 1.40 -3.51
N SER A 17 -10.27 2.55 -4.03
CA SER A 17 -9.66 2.99 -5.32
C SER A 17 -8.14 3.03 -5.17
N LEU A 18 -7.44 2.96 -6.27
CA LEU A 18 -5.94 3.00 -6.20
C LEU A 18 -5.49 4.43 -5.88
N GLU A 19 -6.22 5.41 -6.34
CA GLU A 19 -5.83 6.82 -6.04
C GLU A 19 -6.06 7.07 -4.55
N THR A 20 -6.98 6.36 -3.97
CA THR A 20 -7.24 6.52 -2.52
C THR A 20 -5.98 6.03 -1.79
N VAL A 21 -5.39 4.98 -2.29
CA VAL A 21 -4.15 4.47 -1.65
C VAL A 21 -3.04 5.52 -1.77
N ARG A 22 -2.96 6.17 -2.90
CA ARG A 22 -1.89 7.21 -3.04
C ARG A 22 -1.97 8.18 -1.87
N ARG A 23 -3.16 8.51 -1.43
CA ARG A 23 -3.31 9.43 -0.28
C ARG A 23 -2.76 8.72 0.96
N TRP A 24 -3.01 7.45 1.10
CA TRP A 24 -2.50 6.72 2.28
C TRP A 24 -0.99 6.87 2.39
N VAL A 25 -0.28 6.58 1.32
CA VAL A 25 1.20 6.70 1.36
C VAL A 25 1.58 8.14 1.71
N ARG A 26 0.99 9.10 1.06
CA ARG A 26 1.33 10.53 1.37
C ARG A 26 1.23 10.75 2.88
N GLU A 27 0.18 10.27 3.48
CA GLU A 27 0.01 10.46 4.96
C GLU A 27 0.91 9.46 5.70
N SER A 28 1.75 8.76 4.99
CA SER A 28 2.65 7.77 5.65
C SER A 28 1.82 6.79 6.48
N ARG A 29 0.75 6.28 5.93
CA ARG A 29 -0.10 5.31 6.67
C ARG A 29 0.40 3.89 6.40
N ILE A 30 0.98 3.67 5.25
CA ILE A 30 1.50 2.29 4.93
C ILE A 30 2.98 2.25 5.26
N PHE A 31 3.51 1.10 5.54
CA PHE A 31 4.97 1.02 5.85
C PHE A 31 5.44 -0.45 5.83
N PRO A 32 6.56 -0.76 5.19
CA PRO A 32 7.45 0.20 4.46
C PRO A 32 6.82 0.64 3.13
N PRO A 33 7.26 1.73 2.57
CA PRO A 33 6.73 2.26 1.27
C PRO A 33 7.16 1.38 0.09
N PRO A 34 6.47 1.49 -1.03
CA PRO A 34 6.78 0.69 -2.25
C PRO A 34 8.02 1.21 -2.99
N VAL A 35 8.49 0.49 -3.97
CA VAL A 35 9.69 0.93 -4.73
C VAL A 35 9.24 1.85 -5.87
N LYS A 36 9.69 3.08 -5.88
CA LYS A 36 9.31 4.00 -6.97
C LYS A 36 10.07 3.62 -8.24
N ASP A 37 9.68 2.55 -8.87
CA ASP A 37 10.38 2.10 -10.10
C ASP A 37 10.22 3.15 -11.22
N GLY A 38 10.77 4.32 -11.03
CA GLY A 38 10.65 5.37 -12.07
C GLY A 38 9.21 5.87 -12.16
N ARG A 39 8.26 4.97 -12.29
CA ARG A 39 6.84 5.39 -12.40
C ARG A 39 5.92 4.36 -11.74
N GLU A 40 6.33 3.12 -11.67
CA GLU A 40 5.46 2.07 -11.04
C GLU A 40 5.73 2.03 -9.54
N TYR A 41 5.04 1.17 -8.85
CA TYR A 41 5.22 1.05 -7.37
C TYR A 41 5.02 -0.41 -6.96
N LEU A 42 6.10 -1.07 -6.60
CA LEU A 42 5.99 -2.50 -6.17
C LEU A 42 5.73 -2.54 -4.66
N PHE A 43 4.66 -3.18 -4.25
CA PHE A 43 4.34 -3.26 -2.80
C PHE A 43 4.90 -4.57 -2.23
N HIS A 44 6.05 -4.50 -1.60
CA HIS A 44 6.64 -5.73 -1.01
C HIS A 44 5.61 -6.46 -0.16
N GLU A 45 5.71 -7.75 -0.06
CA GLU A 45 4.73 -8.51 0.76
C GLU A 45 4.82 -8.07 2.22
N SER A 46 5.70 -7.14 2.51
CA SER A 46 5.85 -6.66 3.92
C SER A 46 5.10 -5.34 4.12
N ALA A 47 4.43 -4.86 3.10
CA ALA A 47 3.68 -3.59 3.24
C ALA A 47 2.36 -3.86 3.96
N VAL A 48 1.92 -2.94 4.78
CA VAL A 48 0.64 -3.13 5.51
C VAL A 48 0.01 -1.75 5.77
N LYS A 49 -1.28 -1.69 5.92
CA LYS A 49 -1.94 -0.38 6.18
C LYS A 49 -1.84 -0.05 7.68
N VAL A 50 -1.80 1.20 8.03
CA VAL A 50 -1.70 1.60 9.47
C VAL A 50 -2.46 2.92 9.69
N ASP A 51 -2.80 3.23 10.91
CA ASP A 51 -3.53 4.49 11.19
C ASP A 51 -3.22 4.94 12.62
N LEU A 52 -4.22 5.06 13.44
CA LEU A 52 -4.01 5.49 14.85
C LEU A 52 -5.37 5.55 15.57
N ASN A 53 -6.31 4.75 15.16
CA ASN A 53 -7.65 4.76 15.81
C ASN A 53 -7.65 3.81 17.01
N ARG A 54 -6.52 3.61 17.62
CA ARG A 54 -6.45 2.69 18.80
C ARG A 54 -7.02 3.37 20.06
N PRO A 55 -6.84 4.66 20.23
CA PRO A 55 -7.34 5.38 21.42
C PRO A 55 -8.76 5.92 21.22
N MET A 1 9.17 -13.82 -5.95
CA MET A 1 8.02 -13.55 -5.05
C MET A 1 7.87 -12.03 -4.86
N TYR A 2 6.80 -11.48 -5.35
CA TYR A 2 6.58 -10.01 -5.21
C TYR A 2 5.16 -9.66 -5.70
N LEU A 3 4.46 -8.81 -4.99
CA LEU A 3 3.08 -8.43 -5.40
C LEU A 3 3.01 -6.91 -5.51
N THR A 4 2.73 -6.41 -6.67
CA THR A 4 2.65 -4.93 -6.85
C THR A 4 1.37 -4.39 -6.22
N LEU A 5 1.15 -3.11 -6.31
CA LEU A 5 -0.08 -2.51 -5.73
C LEU A 5 -1.31 -3.31 -6.17
N GLN A 6 -1.40 -3.63 -7.42
CA GLN A 6 -2.57 -4.41 -7.92
C GLN A 6 -2.83 -5.60 -7.00
N GLU A 7 -1.91 -6.52 -6.92
CA GLU A 7 -2.12 -7.71 -6.04
C GLU A 7 -2.14 -7.28 -4.58
N TRP A 8 -1.55 -6.17 -4.26
CA TRP A 8 -1.54 -5.71 -2.84
C TRP A 8 -2.98 -5.52 -2.37
N ASN A 9 -3.73 -4.72 -3.08
CA ASN A 9 -5.15 -4.50 -2.67
C ASN A 9 -5.87 -5.86 -2.62
N ALA A 10 -5.55 -6.74 -3.52
CA ALA A 10 -6.21 -8.07 -3.52
C ALA A 10 -5.93 -8.78 -2.20
N ARG A 11 -4.91 -8.37 -1.49
CA ARG A 11 -4.60 -9.02 -0.18
C ARG A 11 -5.38 -8.33 0.94
N GLN A 12 -5.74 -7.09 0.75
CA GLN A 12 -6.52 -6.38 1.80
C GLN A 12 -7.95 -6.92 1.81
N ARG A 13 -8.40 -7.43 2.93
CA ARG A 13 -9.78 -7.97 3.00
C ARG A 13 -10.79 -6.83 2.83
N ARG A 14 -10.34 -5.61 2.87
CA ARG A 14 -11.29 -4.46 2.71
C ARG A 14 -10.54 -3.26 2.10
N PRO A 15 -10.30 -3.30 0.81
CA PRO A 15 -9.58 -2.21 0.10
C PRO A 15 -10.51 -1.08 -0.32
N ARG A 16 -10.03 -0.20 -1.16
CA ARG A 16 -10.88 0.94 -1.62
C ARG A 16 -10.44 1.35 -3.03
N SER A 17 -10.51 2.61 -3.36
CA SER A 17 -10.08 3.05 -4.71
C SER A 17 -8.55 3.12 -4.77
N LEU A 18 -8.00 3.16 -5.94
CA LEU A 18 -6.52 3.21 -6.06
C LEU A 18 -6.02 4.60 -5.66
N GLU A 19 -6.52 5.63 -6.28
CA GLU A 19 -6.08 7.00 -5.92
C GLU A 19 -6.23 7.20 -4.42
N THR A 20 -7.14 6.50 -3.82
CA THR A 20 -7.32 6.62 -2.34
C THR A 20 -6.07 6.06 -1.68
N VAL A 21 -5.55 4.98 -2.22
CA VAL A 21 -4.32 4.40 -1.62
C VAL A 21 -3.16 5.38 -1.82
N ARG A 22 -3.11 6.04 -2.95
CA ARG A 22 -2.01 7.01 -3.17
C ARG A 22 -1.98 8.03 -2.03
N ARG A 23 -3.13 8.38 -1.51
CA ARG A 23 -3.16 9.34 -0.38
C ARG A 23 -2.51 8.70 0.83
N TRP A 24 -2.75 7.43 1.04
CA TRP A 24 -2.15 6.74 2.21
C TRP A 24 -0.64 6.91 2.17
N VAL A 25 -0.03 6.61 1.05
CA VAL A 25 1.45 6.75 0.95
C VAL A 25 1.85 8.19 1.22
N ARG A 26 1.32 9.13 0.47
CA ARG A 26 1.67 10.56 0.71
C ARG A 26 1.53 10.87 2.20
N GLU A 27 0.50 10.36 2.82
CA GLU A 27 0.31 10.61 4.28
C GLU A 27 1.24 9.66 5.06
N SER A 28 1.71 8.63 4.42
CA SER A 28 2.64 7.67 5.09
C SER A 28 1.90 6.78 6.09
N ARG A 29 0.73 6.30 5.74
CA ARG A 29 -0.01 5.40 6.67
C ARG A 29 0.45 3.96 6.43
N ILE A 30 0.82 3.64 5.22
CA ILE A 30 1.27 2.24 4.93
C ILE A 30 2.70 2.06 5.46
N PHE A 31 3.12 0.84 5.65
CA PHE A 31 4.50 0.61 6.14
C PHE A 31 4.85 -0.90 6.06
N PRO A 32 5.98 -1.29 5.47
CA PRO A 32 6.99 -0.38 4.82
C PRO A 32 6.46 0.22 3.50
N PRO A 33 7.10 1.24 2.99
CA PRO A 33 6.67 1.90 1.72
C PRO A 33 7.16 1.12 0.47
N PRO A 34 6.52 1.29 -0.66
CA PRO A 34 6.91 0.61 -1.93
C PRO A 34 8.13 1.26 -2.57
N VAL A 35 8.64 0.69 -3.64
CA VAL A 35 9.82 1.27 -4.33
C VAL A 35 9.35 2.08 -5.55
N LYS A 36 9.88 3.26 -5.73
CA LYS A 36 9.49 4.11 -6.87
C LYS A 36 10.17 3.56 -8.14
N ASP A 37 9.68 2.49 -8.68
CA ASP A 37 10.31 1.92 -9.89
C ASP A 37 10.15 2.88 -11.08
N GLY A 38 10.78 4.03 -11.01
CA GLY A 38 10.68 5.01 -12.13
C GLY A 38 9.30 5.65 -12.15
N ARG A 39 8.26 4.86 -12.22
CA ARG A 39 6.88 5.43 -12.27
C ARG A 39 5.90 4.51 -11.52
N GLU A 40 6.19 3.24 -11.49
CA GLU A 40 5.26 2.30 -10.77
C GLU A 40 5.66 2.22 -9.31
N TYR A 41 4.96 1.39 -8.56
CA TYR A 41 5.25 1.24 -7.11
C TYR A 41 5.06 -0.22 -6.73
N LEU A 42 6.13 -0.94 -6.50
CA LEU A 42 5.99 -2.38 -6.11
C LEU A 42 5.79 -2.47 -4.60
N PHE A 43 4.73 -3.11 -4.18
CA PHE A 43 4.46 -3.23 -2.72
C PHE A 43 5.05 -4.55 -2.19
N HIS A 44 6.13 -4.46 -1.46
CA HIS A 44 6.79 -5.68 -0.91
C HIS A 44 5.73 -6.63 -0.32
N GLU A 45 6.12 -7.84 -0.02
CA GLU A 45 5.15 -8.81 0.54
C GLU A 45 5.00 -8.56 2.05
N SER A 46 5.16 -7.34 2.49
CA SER A 46 5.02 -7.03 3.94
C SER A 46 4.39 -5.66 4.13
N ALA A 47 3.82 -5.09 3.10
CA ALA A 47 3.18 -3.75 3.26
C ALA A 47 1.78 -3.93 3.83
N VAL A 48 1.31 -2.97 4.58
CA VAL A 48 -0.04 -3.08 5.19
C VAL A 48 -0.60 -1.67 5.42
N LYS A 49 -1.89 -1.51 5.35
CA LYS A 49 -2.48 -0.15 5.59
C LYS A 49 -2.55 0.10 7.09
N VAL A 50 -2.57 1.34 7.51
CA VAL A 50 -2.63 1.64 8.97
C VAL A 50 -3.49 2.88 9.20
N ASP A 51 -3.94 3.09 10.41
CA ASP A 51 -4.79 4.28 10.71
C ASP A 51 -4.60 4.69 12.17
N LEU A 52 -5.53 4.34 13.03
CA LEU A 52 -5.40 4.71 14.48
C LEU A 52 -5.68 3.47 15.34
N ASN A 53 -6.92 3.19 15.63
CA ASN A 53 -7.25 2.00 16.46
C ASN A 53 -8.77 1.85 16.58
N ARG A 54 -9.47 2.93 16.85
CA ARG A 54 -10.95 2.85 16.98
C ARG A 54 -11.52 2.04 15.81
N PRO A 55 -12.66 1.40 15.99
CA PRO A 55 -13.30 0.59 14.92
C PRO A 55 -13.89 1.47 13.81
N MET A 1 6.71 -13.45 -4.68
CA MET A 1 6.40 -12.99 -3.29
C MET A 1 6.11 -11.50 -3.31
N TYR A 2 6.60 -10.79 -4.28
CA TYR A 2 6.34 -9.32 -4.34
C TYR A 2 4.90 -9.09 -4.81
N LEU A 3 4.14 -8.31 -4.07
CA LEU A 3 2.72 -8.03 -4.44
C LEU A 3 2.61 -6.57 -4.89
N THR A 4 2.49 -6.34 -6.17
CA THR A 4 2.37 -4.93 -6.66
C THR A 4 1.20 -4.23 -5.96
N LEU A 5 1.13 -2.94 -6.09
CA LEU A 5 0.01 -2.18 -5.45
C LEU A 5 -1.31 -2.87 -5.73
N GLN A 6 -1.63 -3.07 -6.99
CA GLN A 6 -2.90 -3.73 -7.36
C GLN A 6 -3.12 -4.98 -6.48
N GLU A 7 -2.38 -6.02 -6.72
CA GLU A 7 -2.55 -7.26 -5.91
C GLU A 7 -2.45 -6.93 -4.43
N TRP A 8 -1.45 -6.20 -4.04
CA TRP A 8 -1.30 -5.84 -2.59
C TRP A 8 -2.64 -5.37 -2.03
N ASN A 9 -3.36 -4.58 -2.77
CA ASN A 9 -4.68 -4.10 -2.28
C ASN A 9 -5.73 -5.20 -2.45
N ALA A 10 -5.72 -5.86 -3.58
CA ALA A 10 -6.72 -6.94 -3.80
C ALA A 10 -6.53 -8.04 -2.76
N ARG A 11 -5.55 -7.90 -1.90
CA ARG A 11 -5.30 -8.95 -0.86
C ARG A 11 -6.08 -8.61 0.41
N GLN A 12 -6.33 -7.35 0.67
CA GLN A 12 -7.08 -6.99 1.90
C GLN A 12 -8.55 -7.39 1.73
N ARG A 13 -9.19 -7.77 2.80
CA ARG A 13 -10.63 -8.18 2.70
C ARG A 13 -11.52 -6.93 2.68
N ARG A 14 -10.94 -5.76 2.80
CA ARG A 14 -11.75 -4.51 2.78
C ARG A 14 -10.93 -3.38 2.14
N PRO A 15 -10.62 -3.51 0.88
CA PRO A 15 -9.84 -2.49 0.13
C PRO A 15 -10.73 -1.35 -0.38
N ARG A 16 -10.22 -0.53 -1.27
CA ARG A 16 -11.04 0.59 -1.81
C ARG A 16 -10.59 0.91 -3.24
N SER A 17 -10.38 2.16 -3.55
CA SER A 17 -9.94 2.53 -4.93
C SER A 17 -8.41 2.62 -4.98
N LEU A 18 -7.86 2.70 -6.16
CA LEU A 18 -6.38 2.81 -6.28
C LEU A 18 -5.95 4.23 -5.93
N GLU A 19 -6.56 5.21 -6.52
CA GLU A 19 -6.19 6.62 -6.20
C GLU A 19 -6.34 6.83 -4.70
N THR A 20 -7.19 6.06 -4.06
CA THR A 20 -7.35 6.21 -2.60
C THR A 20 -6.05 5.76 -1.94
N VAL A 21 -5.46 4.70 -2.44
CA VAL A 21 -4.16 4.25 -1.86
C VAL A 21 -3.13 5.35 -2.10
N ARG A 22 -3.21 6.03 -3.22
CA ARG A 22 -2.23 7.12 -3.48
C ARG A 22 -2.23 8.07 -2.29
N ARG A 23 -3.39 8.32 -1.73
CA ARG A 23 -3.46 9.22 -0.55
C ARG A 23 -2.78 8.53 0.62
N TRP A 24 -2.98 7.25 0.76
CA TRP A 24 -2.35 6.51 1.88
C TRP A 24 -0.83 6.70 1.81
N VAL A 25 -0.26 6.43 0.67
CA VAL A 25 1.22 6.61 0.52
C VAL A 25 1.57 8.06 0.88
N ARG A 26 0.64 8.95 0.70
CA ARG A 26 0.92 10.38 1.04
C ARG A 26 0.82 10.57 2.56
N GLU A 27 -0.13 9.92 3.18
CA GLU A 27 -0.28 10.05 4.65
C GLU A 27 0.75 9.16 5.36
N SER A 28 1.66 8.60 4.61
CA SER A 28 2.69 7.71 5.22
C SER A 28 2.00 6.58 6.00
N ARG A 29 0.93 6.05 5.47
CA ARG A 29 0.22 4.94 6.18
C ARG A 29 0.82 3.61 5.74
N ILE A 30 1.43 3.57 4.59
CA ILE A 30 2.04 2.31 4.10
C ILE A 30 3.37 2.08 4.82
N PHE A 31 3.64 0.87 5.24
CA PHE A 31 4.93 0.62 5.95
C PHE A 31 5.29 -0.89 5.90
N PRO A 32 6.42 -1.28 5.33
CA PRO A 32 7.44 -0.38 4.69
C PRO A 32 6.88 0.27 3.40
N PRO A 33 7.48 1.35 2.95
CA PRO A 33 7.03 2.05 1.72
C PRO A 33 7.41 1.27 0.45
N PRO A 34 6.75 1.53 -0.65
CA PRO A 34 7.04 0.83 -1.94
C PRO A 34 8.33 1.33 -2.59
N VAL A 35 8.74 0.73 -3.68
CA VAL A 35 9.99 1.15 -4.37
C VAL A 35 9.63 2.03 -5.58
N LYS A 36 10.44 3.02 -5.85
CA LYS A 36 10.19 3.92 -7.00
C LYS A 36 10.57 3.17 -8.28
N ASP A 37 9.74 2.27 -8.72
CA ASP A 37 10.07 1.50 -9.96
C ASP A 37 10.10 2.45 -11.16
N GLY A 38 11.04 3.35 -11.18
CA GLY A 38 11.14 4.31 -12.32
C GLY A 38 9.92 5.23 -12.33
N ARG A 39 8.74 4.68 -12.37
CA ARG A 39 7.50 5.51 -12.39
C ARG A 39 6.42 4.84 -11.55
N GLU A 40 6.43 3.53 -11.46
CA GLU A 40 5.38 2.82 -10.68
C GLU A 40 5.82 2.68 -9.21
N TYR A 41 5.06 1.92 -8.45
CA TYR A 41 5.37 1.72 -7.01
C TYR A 41 5.06 0.27 -6.64
N LEU A 42 6.06 -0.55 -6.41
CA LEU A 42 5.77 -1.97 -6.05
C LEU A 42 5.54 -2.08 -4.54
N PHE A 43 4.49 -2.75 -4.14
CA PHE A 43 4.18 -2.91 -2.69
C PHE A 43 4.80 -4.21 -2.18
N HIS A 44 5.86 -4.13 -1.42
CA HIS A 44 6.49 -5.37 -0.90
C HIS A 44 5.47 -6.12 -0.03
N GLU A 45 5.41 -7.42 -0.16
CA GLU A 45 4.44 -8.21 0.66
C GLU A 45 4.47 -7.74 2.11
N SER A 46 5.60 -7.27 2.57
CA SER A 46 5.70 -6.80 3.98
C SER A 46 4.98 -5.45 4.14
N ALA A 47 4.33 -4.97 3.11
CA ALA A 47 3.61 -3.67 3.24
C ALA A 47 2.29 -3.90 3.96
N VAL A 48 1.94 -3.01 4.84
CA VAL A 48 0.66 -3.17 5.59
C VAL A 48 0.14 -1.78 5.95
N LYS A 49 -1.16 -1.59 5.97
CA LYS A 49 -1.72 -0.27 6.31
C LYS A 49 -1.82 -0.14 7.84
N VAL A 50 -1.38 0.96 8.39
CA VAL A 50 -1.43 1.15 9.86
C VAL A 50 -2.77 1.78 10.26
N ASP A 51 -3.19 1.57 11.49
CA ASP A 51 -4.50 2.14 11.96
C ASP A 51 -4.23 3.04 13.16
N LEU A 52 -4.06 2.46 14.32
CA LEU A 52 -3.80 3.26 15.57
C LEU A 52 -2.59 2.67 16.30
N ASN A 53 -2.81 1.68 17.13
CA ASN A 53 -1.68 1.07 17.87
C ASN A 53 -0.80 2.16 18.49
N ARG A 54 -1.40 3.23 18.94
CA ARG A 54 -0.62 4.33 19.55
C ARG A 54 -0.24 3.96 21.00
N PRO A 55 -1.12 3.32 21.74
CA PRO A 55 -0.84 2.93 23.16
C PRO A 55 0.45 2.10 23.29
N MET A 1 5.85 -13.10 -0.99
CA MET A 1 6.64 -12.80 -2.21
C MET A 1 6.26 -11.42 -2.74
N TYR A 2 6.92 -10.96 -3.77
CA TYR A 2 6.60 -9.61 -4.33
C TYR A 2 5.12 -9.58 -4.74
N LEU A 3 4.44 -8.49 -4.48
CA LEU A 3 3.00 -8.37 -4.84
C LEU A 3 2.75 -7.00 -5.47
N THR A 4 2.13 -6.97 -6.62
CA THR A 4 1.86 -5.67 -7.28
C THR A 4 0.87 -4.86 -6.45
N LEU A 5 0.89 -3.55 -6.59
CA LEU A 5 -0.06 -2.70 -5.82
C LEU A 5 -1.46 -3.29 -5.89
N GLN A 6 -1.96 -3.49 -7.08
CA GLN A 6 -3.33 -4.06 -7.25
C GLN A 6 -3.52 -5.26 -6.31
N GLU A 7 -2.79 -6.32 -6.53
CA GLU A 7 -2.94 -7.52 -5.65
C GLU A 7 -2.66 -7.12 -4.20
N TRP A 8 -1.56 -6.48 -3.95
CA TRP A 8 -1.20 -6.05 -2.55
C TRP A 8 -2.44 -5.54 -1.83
N ASN A 9 -3.29 -4.82 -2.51
CA ASN A 9 -4.52 -4.28 -1.86
C ASN A 9 -5.67 -5.29 -1.99
N ALA A 10 -5.79 -5.92 -3.13
CA ALA A 10 -6.89 -6.91 -3.33
C ALA A 10 -6.78 -8.03 -2.30
N ARG A 11 -5.80 -7.97 -1.43
CA ARG A 11 -5.66 -9.06 -0.41
C ARG A 11 -6.57 -8.76 0.79
N GLN A 12 -6.89 -7.52 1.01
CA GLN A 12 -7.78 -7.19 2.16
C GLN A 12 -9.22 -7.61 1.83
N ARG A 13 -10.01 -7.92 2.82
CA ARG A 13 -11.41 -8.33 2.54
C ARG A 13 -12.29 -7.08 2.40
N ARG A 14 -11.74 -5.93 2.66
CA ARG A 14 -12.53 -4.68 2.54
C ARG A 14 -11.61 -3.53 2.10
N PRO A 15 -11.04 -3.62 0.93
CA PRO A 15 -10.13 -2.59 0.38
C PRO A 15 -10.90 -1.41 -0.24
N ARG A 16 -10.26 -0.64 -1.06
CA ARG A 16 -10.96 0.52 -1.70
C ARG A 16 -10.31 0.81 -3.07
N SER A 17 -10.51 1.99 -3.59
CA SER A 17 -9.92 2.32 -4.91
C SER A 17 -8.40 2.45 -4.80
N LEU A 18 -7.72 2.41 -5.91
CA LEU A 18 -6.24 2.55 -5.87
C LEU A 18 -5.87 4.00 -5.62
N GLU A 19 -6.52 4.92 -6.28
CA GLU A 19 -6.21 6.35 -6.05
C GLU A 19 -6.37 6.65 -4.56
N THR A 20 -7.24 5.93 -3.91
CA THR A 20 -7.42 6.15 -2.45
C THR A 20 -6.13 5.71 -1.76
N VAL A 21 -5.54 4.64 -2.21
CA VAL A 21 -4.27 4.18 -1.61
C VAL A 21 -3.20 5.25 -1.85
N ARG A 22 -3.21 5.87 -3.01
CA ARG A 22 -2.19 6.92 -3.27
C ARG A 22 -2.25 7.94 -2.14
N ARG A 23 -3.41 8.19 -1.62
CA ARG A 23 -3.55 9.17 -0.51
C ARG A 23 -2.85 8.59 0.72
N TRP A 24 -3.02 7.32 0.95
CA TRP A 24 -2.38 6.67 2.12
C TRP A 24 -0.88 6.94 2.08
N VAL A 25 -0.25 6.63 0.98
CA VAL A 25 1.23 6.85 0.87
C VAL A 25 1.55 8.34 1.09
N ARG A 26 0.72 9.22 0.61
CA ARG A 26 0.99 10.67 0.80
C ARG A 26 1.26 10.93 2.28
N GLU A 27 0.35 10.54 3.13
CA GLU A 27 0.57 10.75 4.60
C GLU A 27 1.51 9.67 5.13
N SER A 28 2.02 8.84 4.26
CA SER A 28 2.95 7.76 4.70
C SER A 28 2.25 6.87 5.73
N ARG A 29 1.10 6.35 5.40
CA ARG A 29 0.38 5.45 6.34
C ARG A 29 0.85 4.02 6.12
N ILE A 30 1.22 3.69 4.92
CA ILE A 30 1.69 2.31 4.64
C ILE A 30 3.14 2.15 5.08
N PHE A 31 3.57 0.95 5.30
CA PHE A 31 4.98 0.74 5.73
C PHE A 31 5.34 -0.75 5.67
N PRO A 32 6.52 -1.12 5.16
CA PRO A 32 7.57 -0.18 4.61
C PRO A 32 7.15 0.37 3.23
N PRO A 33 7.38 1.65 2.95
CA PRO A 33 7.01 2.24 1.63
C PRO A 33 7.41 1.33 0.45
N PRO A 34 6.77 1.48 -0.69
CA PRO A 34 7.10 0.66 -1.90
C PRO A 34 8.38 1.16 -2.59
N VAL A 35 8.79 0.51 -3.64
CA VAL A 35 10.03 0.94 -4.37
C VAL A 35 9.63 1.89 -5.51
N LYS A 36 10.18 3.07 -5.54
CA LYS A 36 9.84 4.03 -6.62
C LYS A 36 10.55 3.60 -7.90
N ASP A 37 10.04 2.60 -8.56
CA ASP A 37 10.67 2.11 -9.81
C ASP A 37 10.61 3.20 -10.89
N GLY A 38 11.32 4.28 -10.69
CA GLY A 38 11.31 5.37 -11.71
C GLY A 38 9.98 6.13 -11.66
N ARG A 39 8.88 5.43 -11.79
CA ARG A 39 7.55 6.12 -11.76
C ARG A 39 6.50 5.20 -11.10
N GLU A 40 6.68 3.91 -11.19
CA GLU A 40 5.68 2.98 -10.58
C GLU A 40 6.04 2.71 -9.12
N TYR A 41 5.26 1.89 -8.48
CA TYR A 41 5.50 1.55 -7.04
C TYR A 41 5.19 0.08 -6.83
N LEU A 42 6.18 -0.75 -6.65
CA LEU A 42 5.93 -2.21 -6.43
C LEU A 42 5.86 -2.50 -4.94
N PHE A 43 4.82 -3.15 -4.50
CA PHE A 43 4.66 -3.46 -3.05
C PHE A 43 5.20 -4.86 -2.75
N HIS A 44 6.33 -4.93 -2.09
CA HIS A 44 6.92 -6.26 -1.75
C HIS A 44 5.86 -7.12 -1.06
N GLU A 45 5.90 -7.20 0.24
CA GLU A 45 4.90 -8.03 0.97
C GLU A 45 4.78 -7.53 2.41
N SER A 46 5.88 -7.12 3.00
CA SER A 46 5.84 -6.62 4.40
C SER A 46 5.07 -5.29 4.44
N ALA A 47 4.58 -4.83 3.32
CA ALA A 47 3.84 -3.56 3.30
C ALA A 47 2.42 -3.79 3.81
N VAL A 48 1.89 -2.86 4.56
CA VAL A 48 0.50 -3.03 5.10
C VAL A 48 -0.10 -1.65 5.35
N LYS A 49 -1.40 -1.55 5.36
CA LYS A 49 -2.04 -0.23 5.60
C LYS A 49 -2.02 0.07 7.10
N VAL A 50 -2.06 1.32 7.46
CA VAL A 50 -2.03 1.69 8.91
C VAL A 50 -2.88 2.95 9.11
N ASP A 51 -3.27 3.22 10.33
CA ASP A 51 -4.09 4.43 10.60
C ASP A 51 -3.98 4.79 12.09
N LEU A 52 -5.04 4.61 12.83
CA LEU A 52 -5.00 4.93 14.28
C LEU A 52 -6.28 4.44 14.94
N ASN A 53 -7.38 4.44 14.23
CA ASN A 53 -8.67 3.98 14.81
C ASN A 53 -8.77 2.46 14.67
N ARG A 54 -9.07 1.99 13.49
CA ARG A 54 -9.19 0.52 13.28
C ARG A 54 -7.80 -0.13 13.39
N PRO A 55 -7.72 -1.37 13.84
CA PRO A 55 -6.42 -2.08 13.98
C PRO A 55 -5.83 -2.47 12.62
N MET A 1 6.12 -13.92 -1.77
CA MET A 1 7.24 -13.02 -1.35
C MET A 1 7.16 -11.71 -2.15
N TYR A 2 6.00 -11.39 -2.67
CA TYR A 2 5.86 -10.13 -3.46
C TYR A 2 4.40 -9.96 -3.88
N LEU A 3 3.89 -8.76 -3.81
CA LEU A 3 2.47 -8.50 -4.21
C LEU A 3 2.39 -7.17 -4.95
N THR A 4 1.82 -7.16 -6.12
CA THR A 4 1.71 -5.90 -6.88
C THR A 4 0.67 -5.00 -6.22
N LEU A 5 0.74 -3.71 -6.43
CA LEU A 5 -0.24 -2.77 -5.83
C LEU A 5 -1.65 -3.35 -5.96
N GLN A 6 -2.05 -3.65 -7.15
CA GLN A 6 -3.42 -4.23 -7.36
C GLN A 6 -3.65 -5.37 -6.38
N GLU A 7 -2.90 -6.44 -6.50
CA GLU A 7 -3.09 -7.60 -5.58
C GLU A 7 -2.81 -7.18 -4.14
N TRP A 8 -1.80 -6.38 -3.92
CA TRP A 8 -1.45 -5.94 -2.55
C TRP A 8 -2.73 -5.55 -1.77
N ASN A 9 -3.64 -4.88 -2.42
CA ASN A 9 -4.90 -4.47 -1.73
C ASN A 9 -5.97 -5.57 -1.91
N ALA A 10 -5.91 -6.32 -2.97
CA ALA A 10 -6.93 -7.38 -3.19
C ALA A 10 -6.89 -8.40 -2.05
N ARG A 11 -5.92 -8.31 -1.18
CA ARG A 11 -5.84 -9.29 -0.05
C ARG A 11 -6.72 -8.80 1.10
N GLN A 12 -6.93 -7.51 1.22
CA GLN A 12 -7.78 -7.00 2.33
C GLN A 12 -9.25 -7.31 2.02
N ARG A 13 -10.03 -7.59 3.03
CA ARG A 13 -11.47 -7.91 2.80
C ARG A 13 -12.25 -6.60 2.63
N ARG A 14 -11.60 -5.49 2.86
CA ARG A 14 -12.29 -4.17 2.73
C ARG A 14 -11.30 -3.12 2.21
N PRO A 15 -10.85 -3.28 0.99
CA PRO A 15 -9.88 -2.34 0.36
C PRO A 15 -10.58 -1.12 -0.24
N ARG A 16 -9.95 -0.44 -1.16
CA ARG A 16 -10.57 0.76 -1.78
C ARG A 16 -10.06 0.92 -3.21
N SER A 17 -10.13 2.11 -3.74
CA SER A 17 -9.64 2.34 -5.14
C SER A 17 -8.11 2.38 -5.16
N LEU A 18 -7.54 2.43 -6.32
CA LEU A 18 -6.05 2.47 -6.44
C LEU A 18 -5.56 3.87 -6.07
N GLU A 19 -5.96 4.87 -6.82
CA GLU A 19 -5.52 6.25 -6.48
C GLU A 19 -5.82 6.53 -5.02
N THR A 20 -6.77 5.83 -4.47
CA THR A 20 -7.10 6.04 -3.03
C THR A 20 -5.90 5.53 -2.23
N VAL A 21 -5.31 4.46 -2.64
CA VAL A 21 -4.12 3.94 -1.91
C VAL A 21 -2.99 4.97 -2.03
N ARG A 22 -2.83 5.57 -3.18
CA ARG A 22 -1.76 6.58 -3.34
C ARG A 22 -1.91 7.64 -2.26
N ARG A 23 -3.13 7.91 -1.85
CA ARG A 23 -3.34 8.92 -0.79
C ARG A 23 -2.76 8.37 0.52
N TRP A 24 -2.93 7.10 0.78
CA TRP A 24 -2.37 6.52 2.02
C TRP A 24 -0.87 6.79 2.03
N VAL A 25 -0.20 6.56 0.94
CA VAL A 25 1.26 6.81 0.88
C VAL A 25 1.54 8.28 1.16
N ARG A 26 0.68 9.14 0.69
CA ARG A 26 0.89 10.61 0.93
C ARG A 26 1.12 10.84 2.43
N GLU A 27 0.20 10.41 3.25
CA GLU A 27 0.36 10.60 4.71
C GLU A 27 1.31 9.53 5.26
N SER A 28 1.84 8.71 4.39
CA SER A 28 2.77 7.64 4.84
C SER A 28 2.10 6.75 5.88
N ARG A 29 0.96 6.20 5.56
CA ARG A 29 0.25 5.30 6.53
C ARG A 29 0.74 3.87 6.31
N ILE A 30 1.16 3.56 5.11
CA ILE A 30 1.66 2.18 4.82
C ILE A 30 3.13 2.10 5.24
N PHE A 31 3.63 0.92 5.49
CA PHE A 31 5.06 0.81 5.89
C PHE A 31 5.48 -0.68 5.86
N PRO A 32 6.61 -1.03 5.25
CA PRO A 32 7.55 -0.10 4.54
C PRO A 32 6.94 0.42 3.22
N PRO A 33 7.46 1.51 2.70
CA PRO A 33 6.95 2.11 1.43
C PRO A 33 7.42 1.31 0.20
N PRO A 34 6.75 1.47 -0.91
CA PRO A 34 7.12 0.75 -2.18
C PRO A 34 8.35 1.37 -2.84
N VAL A 35 8.90 0.72 -3.83
CA VAL A 35 10.10 1.28 -4.51
C VAL A 35 9.65 2.23 -5.63
N LYS A 36 10.21 3.41 -5.67
CA LYS A 36 9.85 4.39 -6.72
C LYS A 36 10.57 4.01 -8.01
N ASP A 37 10.11 2.99 -8.68
CA ASP A 37 10.78 2.57 -9.94
C ASP A 37 10.65 3.66 -11.00
N GLY A 38 11.28 4.78 -10.79
CA GLY A 38 11.20 5.89 -11.78
C GLY A 38 9.83 6.59 -11.67
N ARG A 39 8.77 5.86 -11.89
CA ARG A 39 7.41 6.47 -11.81
C ARG A 39 6.42 5.47 -11.20
N GLU A 40 6.70 4.19 -11.30
CA GLU A 40 5.77 3.17 -10.74
C GLU A 40 6.08 2.91 -9.27
N TYR A 41 5.30 2.08 -8.64
CA TYR A 41 5.51 1.75 -7.21
C TYR A 41 5.21 0.27 -6.99
N LEU A 42 6.23 -0.52 -6.78
CA LEU A 42 6.00 -1.99 -6.57
C LEU A 42 5.84 -2.26 -5.07
N PHE A 43 4.81 -2.96 -4.69
CA PHE A 43 4.58 -3.25 -3.24
C PHE A 43 5.19 -4.61 -2.89
N HIS A 44 5.24 -4.93 -1.62
CA HIS A 44 5.83 -6.23 -1.19
C HIS A 44 5.07 -6.74 0.04
N GLU A 45 5.06 -8.03 0.25
CA GLU A 45 4.35 -8.60 1.43
C GLU A 45 4.68 -7.76 2.69
N SER A 46 5.86 -7.23 2.75
CA SER A 46 6.25 -6.42 3.95
C SER A 46 5.40 -5.15 4.03
N ALA A 47 4.86 -4.71 2.93
CA ALA A 47 4.02 -3.47 2.97
C ALA A 47 2.66 -3.81 3.60
N VAL A 48 2.16 -2.95 4.43
CA VAL A 48 0.84 -3.20 5.08
C VAL A 48 0.17 -1.86 5.38
N LYS A 49 -1.13 -1.79 5.25
CA LYS A 49 -1.83 -0.50 5.54
C LYS A 49 -2.05 -0.39 7.05
N VAL A 50 -1.53 0.66 7.64
CA VAL A 50 -1.69 0.84 9.12
C VAL A 50 -2.97 1.62 9.40
N ASP A 51 -3.44 1.58 10.62
CA ASP A 51 -4.70 2.30 10.99
C ASP A 51 -4.34 3.63 11.67
N LEU A 52 -4.51 3.70 12.96
CA LEU A 52 -4.19 4.96 13.68
C LEU A 52 -2.67 5.07 13.84
N ASN A 53 -2.09 4.25 14.67
CA ASN A 53 -0.62 4.31 14.89
C ASN A 53 -0.11 2.93 15.32
N ARG A 54 -0.21 2.62 16.58
CA ARG A 54 0.27 1.30 17.07
C ARG A 54 -0.70 0.21 16.54
N PRO A 55 -0.23 -1.01 16.38
CA PRO A 55 -1.08 -2.13 15.88
C PRO A 55 -2.09 -2.60 16.94
N MET A 1 8.63 -13.47 -2.28
CA MET A 1 7.81 -13.12 -3.47
C MET A 1 7.71 -11.59 -3.59
N TYR A 2 6.58 -11.10 -4.03
CA TYR A 2 6.42 -9.63 -4.17
C TYR A 2 4.97 -9.30 -4.56
N LEU A 3 4.28 -8.57 -3.73
CA LEU A 3 2.85 -8.22 -4.04
C LEU A 3 2.81 -6.83 -4.68
N THR A 4 2.24 -6.72 -5.84
CA THR A 4 2.16 -5.38 -6.51
C THR A 4 0.98 -4.59 -5.93
N LEU A 5 0.96 -3.31 -6.16
CA LEU A 5 -0.15 -2.45 -5.64
C LEU A 5 -1.49 -3.16 -5.84
N GLN A 6 -1.94 -3.24 -7.05
CA GLN A 6 -3.25 -3.89 -7.33
C GLN A 6 -3.39 -5.20 -6.53
N GLU A 7 -2.42 -6.07 -6.61
CA GLU A 7 -2.52 -7.36 -5.87
C GLU A 7 -2.45 -7.08 -4.35
N TRP A 8 -1.60 -6.19 -3.95
CA TRP A 8 -1.47 -5.87 -2.50
C TRP A 8 -2.86 -5.59 -1.91
N ASN A 9 -3.61 -4.73 -2.52
CA ASN A 9 -4.96 -4.42 -2.00
C ASN A 9 -5.92 -5.56 -2.33
N ALA A 10 -5.66 -6.27 -3.39
CA ALA A 10 -6.56 -7.40 -3.77
C ALA A 10 -6.61 -8.42 -2.63
N ARG A 11 -5.68 -8.35 -1.72
CA ARG A 11 -5.69 -9.31 -0.58
C ARG A 11 -6.55 -8.77 0.55
N GLN A 12 -6.73 -7.48 0.61
CA GLN A 12 -7.58 -6.90 1.68
C GLN A 12 -9.05 -7.18 1.36
N ARG A 13 -9.84 -7.52 2.34
CA ARG A 13 -11.28 -7.80 2.07
C ARG A 13 -12.06 -6.49 2.02
N ARG A 14 -11.41 -5.38 2.24
CA ARG A 14 -12.10 -4.07 2.19
C ARG A 14 -11.13 -2.98 1.71
N PRO A 15 -10.66 -3.09 0.50
CA PRO A 15 -9.71 -2.11 -0.09
C PRO A 15 -10.43 -0.88 -0.67
N ARG A 16 -9.75 -0.12 -1.49
CA ARG A 16 -10.37 1.08 -2.11
C ARG A 16 -9.78 1.29 -3.50
N SER A 17 -10.12 2.37 -4.15
CA SER A 17 -9.58 2.62 -5.52
C SER A 17 -8.06 2.74 -5.44
N LEU A 18 -7.40 2.61 -6.56
CA LEU A 18 -5.92 2.71 -6.56
C LEU A 18 -5.52 4.15 -6.23
N GLU A 19 -6.26 5.11 -6.72
CA GLU A 19 -5.92 6.53 -6.43
C GLU A 19 -6.16 6.81 -4.95
N THR A 20 -7.05 6.06 -4.34
CA THR A 20 -7.29 6.28 -2.89
C THR A 20 -6.02 5.89 -2.14
N VAL A 21 -5.35 4.86 -2.59
CA VAL A 21 -4.09 4.43 -1.93
C VAL A 21 -3.05 5.54 -2.13
N ARG A 22 -3.03 6.17 -3.27
CA ARG A 22 -2.02 7.24 -3.49
C ARG A 22 -2.12 8.24 -2.33
N ARG A 23 -3.31 8.51 -1.87
CA ARG A 23 -3.47 9.43 -0.73
C ARG A 23 -2.87 8.77 0.51
N TRP A 24 -3.13 7.50 0.68
CA TRP A 24 -2.59 6.77 1.85
C TRP A 24 -1.07 6.90 1.88
N VAL A 25 -0.42 6.54 0.80
CA VAL A 25 1.06 6.64 0.76
C VAL A 25 1.47 8.10 0.99
N ARG A 26 0.56 9.02 0.82
CA ARG A 26 0.89 10.45 1.03
C ARG A 26 1.00 10.70 2.54
N GLU A 27 0.07 10.18 3.30
CA GLU A 27 0.12 10.37 4.78
C GLU A 27 1.14 9.41 5.37
N SER A 28 1.69 8.54 4.55
CA SER A 28 2.70 7.57 5.06
C SER A 28 2.10 6.71 6.18
N ARG A 29 0.91 6.21 5.99
CA ARG A 29 0.29 5.35 7.04
C ARG A 29 0.70 3.90 6.82
N ILE A 30 1.06 3.55 5.61
CA ILE A 30 1.49 2.15 5.31
C ILE A 30 3.01 2.07 5.41
N PHE A 31 3.56 0.89 5.54
CA PHE A 31 5.05 0.79 5.63
C PHE A 31 5.50 -0.68 5.44
N PRO A 32 6.66 -0.92 4.86
CA PRO A 32 7.59 0.14 4.35
C PRO A 32 7.15 0.67 2.98
N PRO A 33 7.31 1.96 2.69
CA PRO A 33 6.90 2.53 1.37
C PRO A 33 7.25 1.60 0.21
N PRO A 34 6.56 1.71 -0.90
CA PRO A 34 6.81 0.85 -2.10
C PRO A 34 8.06 1.31 -2.87
N VAL A 35 8.47 0.56 -3.85
CA VAL A 35 9.67 0.94 -4.66
C VAL A 35 9.24 1.87 -5.80
N LYS A 36 9.68 3.09 -5.80
CA LYS A 36 9.30 4.01 -6.89
C LYS A 36 10.07 3.63 -8.15
N ASP A 37 9.68 2.55 -8.78
CA ASP A 37 10.39 2.09 -10.00
C ASP A 37 10.23 3.14 -11.12
N GLY A 38 10.79 4.29 -10.95
CA GLY A 38 10.68 5.35 -12.00
C GLY A 38 9.25 5.87 -12.05
N ARG A 39 8.28 5.00 -12.17
CA ARG A 39 6.85 5.46 -12.25
C ARG A 39 5.93 4.44 -11.57
N GLU A 40 6.32 3.20 -11.51
CA GLU A 40 5.46 2.16 -10.86
C GLU A 40 5.72 2.12 -9.36
N TYR A 41 5.01 1.28 -8.67
CA TYR A 41 5.20 1.16 -7.19
C TYR A 41 5.02 -0.30 -6.76
N LEU A 42 6.08 -0.96 -6.41
CA LEU A 42 5.97 -2.38 -5.98
C LEU A 42 5.66 -2.42 -4.48
N PHE A 43 4.62 -3.11 -4.09
CA PHE A 43 4.27 -3.18 -2.65
C PHE A 43 4.94 -4.41 -2.03
N HIS A 44 6.12 -4.25 -1.51
CA HIS A 44 6.84 -5.40 -0.89
C HIS A 44 5.89 -6.13 0.07
N GLU A 45 5.92 -7.43 0.07
CA GLU A 45 5.03 -8.20 0.97
C GLU A 45 5.09 -7.61 2.38
N SER A 46 6.14 -6.90 2.68
CA SER A 46 6.28 -6.29 4.03
C SER A 46 5.31 -5.12 4.16
N ALA A 47 4.71 -4.68 3.08
CA ALA A 47 3.75 -3.54 3.18
C ALA A 47 2.55 -3.98 3.98
N VAL A 48 2.08 -3.16 4.88
CA VAL A 48 0.91 -3.53 5.71
C VAL A 48 0.21 -2.26 6.18
N LYS A 49 -1.06 -2.35 6.50
CA LYS A 49 -1.79 -1.15 6.98
C LYS A 49 -1.53 -0.99 8.49
N VAL A 50 -1.06 0.16 8.91
CA VAL A 50 -0.79 0.37 10.36
C VAL A 50 -2.08 0.84 11.05
N ASP A 51 -2.15 0.70 12.34
CA ASP A 51 -3.36 1.15 13.09
C ASP A 51 -3.11 0.98 14.60
N LEU A 52 -2.33 0.00 14.97
CA LEU A 52 -2.06 -0.23 16.42
C LEU A 52 -1.20 0.92 16.98
N ASN A 53 -1.11 2.00 16.26
CA ASN A 53 -0.29 3.15 16.77
C ASN A 53 -0.81 3.57 18.14
N ARG A 54 -1.90 2.98 18.58
CA ARG A 54 -2.46 3.34 19.91
C ARG A 54 -2.68 4.86 19.98
N PRO A 55 -3.68 5.35 19.29
CA PRO A 55 -4.01 6.80 19.27
C PRO A 55 -4.85 7.22 20.48
N MET A 1 6.37 -15.03 -5.35
CA MET A 1 6.01 -13.79 -6.10
C MET A 1 5.50 -12.74 -5.10
N TYR A 2 6.08 -11.57 -5.12
CA TYR A 2 5.63 -10.51 -4.18
C TYR A 2 4.19 -10.11 -4.51
N LEU A 3 3.77 -8.93 -4.13
CA LEU A 3 2.37 -8.47 -4.42
C LEU A 3 2.41 -7.06 -5.01
N THR A 4 1.79 -6.85 -6.14
CA THR A 4 1.79 -5.50 -6.75
C THR A 4 0.70 -4.65 -6.10
N LEU A 5 0.76 -3.35 -6.30
CA LEU A 5 -0.25 -2.43 -5.70
C LEU A 5 -1.65 -3.03 -5.87
N GLN A 6 -2.07 -3.22 -7.08
CA GLN A 6 -3.44 -3.78 -7.33
C GLN A 6 -3.72 -4.95 -6.38
N GLU A 7 -3.00 -6.02 -6.52
CA GLU A 7 -3.23 -7.21 -5.64
C GLU A 7 -2.91 -6.85 -4.18
N TRP A 8 -1.77 -6.25 -3.95
CA TRP A 8 -1.37 -5.87 -2.55
C TRP A 8 -2.57 -5.29 -1.79
N ASN A 9 -3.36 -4.48 -2.44
CA ASN A 9 -4.54 -3.86 -1.74
C ASN A 9 -5.77 -4.76 -1.90
N ALA A 10 -5.95 -5.34 -3.05
CA ALA A 10 -7.14 -6.21 -3.27
C ALA A 10 -7.13 -7.38 -2.28
N ARG A 11 -6.08 -7.54 -1.52
CA ARG A 11 -6.03 -8.67 -0.54
C ARG A 11 -6.60 -8.22 0.80
N GLN A 12 -6.96 -6.97 0.93
CA GLN A 12 -7.53 -6.48 2.22
C GLN A 12 -8.96 -6.99 2.36
N ARG A 13 -9.49 -6.98 3.55
CA ARG A 13 -10.89 -7.46 3.76
C ARG A 13 -11.85 -6.45 3.14
N ARG A 14 -11.45 -5.21 3.05
CA ARG A 14 -12.32 -4.16 2.46
C ARG A 14 -11.46 -3.08 1.82
N PRO A 15 -11.00 -3.28 0.61
CA PRO A 15 -10.13 -2.30 -0.09
C PRO A 15 -10.95 -1.18 -0.75
N ARG A 16 -10.32 -0.40 -1.57
CA ARG A 16 -11.04 0.72 -2.26
C ARG A 16 -10.36 1.01 -3.60
N SER A 17 -10.64 2.14 -4.19
CA SER A 17 -10.01 2.49 -5.49
C SER A 17 -8.50 2.68 -5.30
N LEU A 18 -7.72 2.29 -6.27
CA LEU A 18 -6.24 2.46 -6.13
C LEU A 18 -5.92 3.94 -5.85
N GLU A 19 -6.83 4.82 -6.16
CA GLU A 19 -6.58 6.26 -5.88
C GLU A 19 -6.72 6.49 -4.39
N THR A 20 -7.55 5.73 -3.73
CA THR A 20 -7.71 5.91 -2.27
C THR A 20 -6.37 5.52 -1.63
N VAL A 21 -5.69 4.57 -2.22
CA VAL A 21 -4.37 4.16 -1.66
C VAL A 21 -3.40 5.34 -1.82
N ARG A 22 -3.47 6.04 -2.91
CA ARG A 22 -2.54 7.21 -3.08
C ARG A 22 -2.67 8.11 -1.86
N ARG A 23 -3.86 8.23 -1.34
CA ARG A 23 -4.06 9.07 -0.13
C ARG A 23 -3.33 8.40 1.04
N TRP A 24 -3.44 7.10 1.13
CA TRP A 24 -2.76 6.38 2.23
C TRP A 24 -1.25 6.64 2.18
N VAL A 25 -0.64 6.41 1.05
CA VAL A 25 0.82 6.64 0.93
C VAL A 25 1.13 8.09 1.29
N ARG A 26 0.17 8.97 1.11
CA ARG A 26 0.40 10.40 1.45
C ARG A 26 0.23 10.58 2.96
N GLU A 27 -0.72 9.91 3.54
CA GLU A 27 -0.95 10.03 5.00
C GLU A 27 0.07 9.15 5.75
N SER A 28 0.93 8.50 5.02
CA SER A 28 1.95 7.62 5.68
C SER A 28 1.26 6.53 6.49
N ARG A 29 0.25 5.91 5.93
CA ARG A 29 -0.46 4.81 6.67
C ARG A 29 0.22 3.47 6.35
N ILE A 30 0.89 3.39 5.23
CA ILE A 30 1.57 2.11 4.84
C ILE A 30 3.08 2.23 5.11
N PHE A 31 3.76 1.12 5.25
CA PHE A 31 5.22 1.18 5.50
C PHE A 31 5.82 -0.24 5.33
N PRO A 32 6.97 -0.40 4.70
CA PRO A 32 7.79 0.70 4.09
C PRO A 32 7.18 1.22 2.77
N PRO A 33 7.56 2.39 2.34
CA PRO A 33 7.04 2.98 1.07
C PRO A 33 7.46 2.13 -0.16
N PRO A 34 6.55 1.84 -1.07
CA PRO A 34 6.87 1.02 -2.28
C PRO A 34 8.24 1.39 -2.89
N VAL A 35 8.71 0.58 -3.80
CA VAL A 35 10.03 0.86 -4.45
C VAL A 35 9.84 1.81 -5.63
N LYS A 36 10.58 2.88 -5.65
CA LYS A 36 10.49 3.85 -6.78
C LYS A 36 11.18 3.23 -8.00
N ASP A 37 10.59 2.22 -8.57
CA ASP A 37 11.23 1.55 -9.74
C ASP A 37 11.30 2.53 -10.92
N GLY A 38 12.09 3.56 -10.81
CA GLY A 38 12.23 4.54 -11.91
C GLY A 38 10.91 5.27 -12.16
N ARG A 39 9.88 4.56 -12.50
CA ARG A 39 8.57 5.21 -12.77
C ARG A 39 7.41 4.29 -12.34
N GLU A 40 7.63 3.44 -11.39
CA GLU A 40 6.53 2.53 -10.92
C GLU A 40 6.64 2.32 -9.41
N TYR A 41 5.78 1.50 -8.87
CA TYR A 41 5.81 1.25 -7.39
C TYR A 41 5.54 -0.22 -7.11
N LEU A 42 6.54 -0.95 -6.69
CA LEU A 42 6.34 -2.40 -6.37
C LEU A 42 5.96 -2.51 -4.90
N PHE A 43 4.85 -3.14 -4.60
CA PHE A 43 4.42 -3.27 -3.18
C PHE A 43 4.96 -4.59 -2.62
N HIS A 44 6.21 -4.61 -2.25
CA HIS A 44 6.81 -5.84 -1.69
C HIS A 44 5.90 -6.39 -0.58
N GLU A 45 5.79 -7.69 -0.47
CA GLU A 45 4.92 -8.26 0.59
C GLU A 45 5.28 -7.64 1.94
N SER A 46 6.34 -6.90 2.00
CA SER A 46 6.75 -6.26 3.29
C SER A 46 5.87 -5.04 3.55
N ALA A 47 5.08 -4.63 2.60
CA ALA A 47 4.21 -3.44 2.80
C ALA A 47 2.97 -3.87 3.60
N VAL A 48 2.47 -3.01 4.43
CA VAL A 48 1.27 -3.36 5.25
C VAL A 48 0.52 -2.07 5.61
N LYS A 49 -0.77 -2.15 5.72
CA LYS A 49 -1.56 -0.94 6.09
C LYS A 49 -1.52 -0.76 7.61
N VAL A 50 -1.12 0.38 8.08
CA VAL A 50 -1.04 0.63 9.55
C VAL A 50 -2.39 1.16 10.05
N ASP A 51 -2.61 1.11 11.33
CA ASP A 51 -3.89 1.60 11.89
C ASP A 51 -3.85 3.13 12.04
N LEU A 52 -3.74 3.61 13.25
CA LEU A 52 -3.68 5.10 13.46
C LEU A 52 -2.86 5.41 14.71
N ASN A 53 -1.61 5.04 14.72
CA ASN A 53 -0.76 5.31 15.91
C ASN A 53 -1.46 4.82 17.17
N ARG A 54 -2.28 3.80 17.05
CA ARG A 54 -2.99 3.26 18.24
C ARG A 54 -3.91 4.35 18.84
N PRO A 55 -5.16 4.06 19.10
CA PRO A 55 -6.10 5.08 19.68
C PRO A 55 -5.85 5.33 21.16
N MET A 1 9.33 -13.82 -3.69
CA MET A 1 7.90 -13.62 -4.09
C MET A 1 7.31 -12.45 -3.30
N TYR A 2 6.42 -11.71 -3.91
CA TYR A 2 5.81 -10.54 -3.19
C TYR A 2 4.43 -10.25 -3.80
N LEU A 3 3.99 -9.01 -3.71
CA LEU A 3 2.65 -8.65 -4.28
C LEU A 3 2.74 -7.27 -4.94
N THR A 4 2.06 -7.09 -6.03
CA THR A 4 2.09 -5.76 -6.71
C THR A 4 0.97 -4.89 -6.14
N LEU A 5 0.99 -3.62 -6.40
CA LEU A 5 -0.09 -2.73 -5.87
C LEU A 5 -1.45 -3.35 -6.18
N GLN A 6 -1.73 -3.59 -7.43
CA GLN A 6 -3.03 -4.19 -7.82
C GLN A 6 -3.39 -5.36 -6.89
N GLU A 7 -2.49 -6.29 -6.72
CA GLU A 7 -2.79 -7.45 -5.82
C GLU A 7 -2.63 -7.05 -4.36
N TRP A 8 -1.79 -6.09 -4.08
CA TRP A 8 -1.59 -5.65 -2.67
C TRP A 8 -2.93 -5.27 -2.05
N ASN A 9 -3.73 -4.52 -2.76
CA ASN A 9 -5.06 -4.11 -2.21
C ASN A 9 -6.04 -5.26 -2.35
N ALA A 10 -6.06 -5.92 -3.48
CA ALA A 10 -7.01 -7.05 -3.68
C ALA A 10 -6.77 -8.10 -2.59
N ARG A 11 -5.75 -7.94 -1.81
CA ARG A 11 -5.46 -8.93 -0.73
C ARG A 11 -6.22 -8.54 0.54
N GLN A 12 -6.56 -7.29 0.68
CA GLN A 12 -7.30 -6.85 1.90
C GLN A 12 -8.75 -7.34 1.82
N ARG A 13 -9.27 -7.83 2.90
CA ARG A 13 -10.68 -8.34 2.88
C ARG A 13 -11.63 -7.18 2.53
N ARG A 14 -11.16 -5.96 2.64
CA ARG A 14 -12.03 -4.79 2.30
C ARG A 14 -11.14 -3.65 1.78
N PRO A 15 -10.78 -3.69 0.51
CA PRO A 15 -9.92 -2.63 -0.10
C PRO A 15 -10.73 -1.43 -0.58
N ARG A 16 -10.13 -0.58 -1.39
CA ARG A 16 -10.86 0.61 -1.89
C ARG A 16 -10.30 1.01 -3.27
N SER A 17 -10.43 2.25 -3.65
CA SER A 17 -9.91 2.68 -4.97
C SER A 17 -8.37 2.73 -4.94
N LEU A 18 -7.75 2.56 -6.07
CA LEU A 18 -6.26 2.59 -6.10
C LEU A 18 -5.79 4.04 -5.88
N GLU A 19 -6.60 5.00 -6.26
CA GLU A 19 -6.20 6.41 -6.03
C GLU A 19 -6.28 6.70 -4.54
N THR A 20 -7.14 6.01 -3.85
CA THR A 20 -7.24 6.23 -2.38
C THR A 20 -5.93 5.75 -1.77
N VAL A 21 -5.33 4.74 -2.34
CA VAL A 21 -4.04 4.25 -1.80
C VAL A 21 -2.97 5.32 -2.03
N ARG A 22 -3.03 6.00 -3.15
CA ARG A 22 -2.01 7.06 -3.39
C ARG A 22 -2.03 8.03 -2.22
N ARG A 23 -3.20 8.30 -1.68
CA ARG A 23 -3.29 9.22 -0.53
C ARG A 23 -2.63 8.54 0.68
N TRP A 24 -2.83 7.26 0.83
CA TRP A 24 -2.22 6.54 1.98
C TRP A 24 -0.71 6.79 1.99
N VAL A 25 -0.07 6.49 0.89
CA VAL A 25 1.41 6.70 0.82
C VAL A 25 1.72 8.18 1.07
N ARG A 26 0.93 9.06 0.51
CA ARG A 26 1.19 10.51 0.74
C ARG A 26 1.28 10.78 2.23
N GLU A 27 0.36 10.27 2.99
CA GLU A 27 0.38 10.48 4.46
C GLU A 27 1.40 9.52 5.09
N SER A 28 2.03 8.71 4.28
CA SER A 28 3.04 7.75 4.81
C SER A 28 2.38 6.87 5.88
N ARG A 29 1.21 6.35 5.62
CA ARG A 29 0.53 5.48 6.60
C ARG A 29 0.94 4.03 6.38
N ILE A 30 1.37 3.70 5.19
CA ILE A 30 1.80 2.29 4.91
C ILE A 30 3.25 2.10 5.36
N PHE A 31 3.65 0.88 5.57
CA PHE A 31 5.05 0.64 6.00
C PHE A 31 5.37 -0.87 5.90
N PRO A 32 6.48 -1.27 5.30
CA PRO A 32 7.51 -0.37 4.65
C PRO A 32 6.97 0.28 3.37
N PRO A 33 7.60 1.32 2.90
CA PRO A 33 7.17 2.05 1.67
C PRO A 33 7.49 1.24 0.39
N PRO A 34 6.79 1.51 -0.69
CA PRO A 34 7.00 0.80 -1.99
C PRO A 34 8.30 1.24 -2.68
N VAL A 35 8.54 0.75 -3.87
CA VAL A 35 9.78 1.13 -4.62
C VAL A 35 9.43 2.17 -5.69
N LYS A 36 10.13 3.27 -5.70
CA LYS A 36 9.87 4.33 -6.71
C LYS A 36 10.47 3.87 -8.04
N ASP A 37 9.92 2.85 -8.64
CA ASP A 37 10.48 2.37 -9.93
C ASP A 37 10.25 3.43 -11.02
N GLY A 38 10.88 4.56 -10.89
CA GLY A 38 10.72 5.63 -11.90
C GLY A 38 9.29 6.18 -11.86
N ARG A 39 8.31 5.32 -11.97
CA ARG A 39 6.88 5.80 -11.95
C ARG A 39 5.99 4.76 -11.28
N GLU A 40 6.37 3.51 -11.27
CA GLU A 40 5.51 2.47 -10.64
C GLU A 40 5.83 2.35 -9.15
N TYR A 41 5.10 1.50 -8.47
CA TYR A 41 5.32 1.32 -7.01
C TYR A 41 5.23 -0.17 -6.65
N LEU A 42 6.34 -0.79 -6.32
CA LEU A 42 6.29 -2.24 -5.96
C LEU A 42 5.90 -2.36 -4.48
N PHE A 43 4.84 -3.08 -4.20
CA PHE A 43 4.39 -3.24 -2.78
C PHE A 43 4.92 -4.56 -2.22
N HIS A 44 6.00 -4.51 -1.49
CA HIS A 44 6.55 -5.77 -0.91
C HIS A 44 5.52 -6.36 0.04
N GLU A 45 5.41 -7.66 0.10
CA GLU A 45 4.42 -8.30 1.01
C GLU A 45 4.49 -7.63 2.39
N SER A 46 5.65 -7.21 2.80
CA SER A 46 5.81 -6.57 4.13
C SER A 46 5.01 -5.27 4.18
N ALA A 47 4.45 -4.83 3.08
CA ALA A 47 3.67 -3.57 3.11
C ALA A 47 2.33 -3.81 3.79
N VAL A 48 1.87 -2.87 4.58
CA VAL A 48 0.57 -3.05 5.28
C VAL A 48 -0.03 -1.68 5.57
N LYS A 49 -1.34 -1.57 5.53
CA LYS A 49 -1.97 -0.24 5.81
C LYS A 49 -2.08 -0.05 7.33
N VAL A 50 -1.48 1.00 7.83
CA VAL A 50 -1.54 1.26 9.31
C VAL A 50 -2.75 2.14 9.61
N ASP A 51 -3.16 2.17 10.85
CA ASP A 51 -4.34 3.02 11.23
C ASP A 51 -4.40 3.16 12.76
N LEU A 52 -4.07 2.13 13.48
CA LEU A 52 -4.11 2.21 14.97
C LEU A 52 -5.51 2.66 15.41
N ASN A 53 -6.54 1.99 14.93
CA ASN A 53 -7.92 2.37 15.33
C ASN A 53 -8.87 1.23 14.99
N ARG A 54 -8.61 0.51 13.94
CA ARG A 54 -9.51 -0.62 13.56
C ARG A 54 -9.20 -1.85 14.44
N PRO A 55 -7.94 -2.12 14.71
CA PRO A 55 -7.55 -3.30 15.56
C PRO A 55 -8.25 -3.28 16.92
N MET A 1 7.94 -14.79 -3.43
CA MET A 1 6.69 -14.34 -4.13
C MET A 1 6.28 -12.97 -3.58
N TYR A 2 6.85 -11.92 -4.10
CA TYR A 2 6.48 -10.56 -3.62
C TYR A 2 5.04 -10.24 -4.03
N LEU A 3 4.64 -8.99 -3.91
CA LEU A 3 3.25 -8.61 -4.30
C LEU A 3 3.29 -7.25 -5.00
N THR A 4 2.20 -6.84 -5.59
CA THR A 4 2.15 -5.53 -6.31
C THR A 4 0.96 -4.71 -5.80
N LEU A 5 0.92 -3.44 -6.13
CA LEU A 5 -0.20 -2.57 -5.67
C LEU A 5 -1.53 -3.31 -5.79
N GLN A 6 -1.97 -3.58 -6.99
CA GLN A 6 -3.26 -4.27 -7.17
C GLN A 6 -3.36 -5.47 -6.24
N GLU A 7 -2.59 -6.50 -6.48
CA GLU A 7 -2.65 -7.71 -5.59
C GLU A 7 -2.51 -7.26 -4.13
N TRP A 8 -1.43 -6.60 -3.81
CA TRP A 8 -1.22 -6.12 -2.41
C TRP A 8 -2.52 -5.51 -1.88
N ASN A 9 -3.24 -4.83 -2.73
CA ASN A 9 -4.52 -4.21 -2.28
C ASN A 9 -5.63 -5.28 -2.32
N ALA A 10 -5.58 -6.13 -3.30
CA ALA A 10 -6.61 -7.20 -3.41
C ALA A 10 -6.55 -8.10 -2.17
N ARG A 11 -5.65 -7.80 -1.26
CA ARG A 11 -5.52 -8.64 -0.03
C ARG A 11 -6.56 -8.18 1.00
N GLN A 12 -6.89 -6.91 1.01
CA GLN A 12 -7.89 -6.41 1.99
C GLN A 12 -9.29 -6.87 1.55
N ARG A 13 -10.08 -7.32 2.48
CA ARG A 13 -11.46 -7.79 2.12
C ARG A 13 -12.34 -6.57 1.83
N ARG A 14 -11.85 -5.39 2.07
CA ARG A 14 -12.67 -4.16 1.81
C ARG A 14 -11.75 -2.98 1.49
N PRO A 15 -11.15 -3.00 0.33
CA PRO A 15 -10.23 -1.91 -0.13
C PRO A 15 -10.99 -0.73 -0.73
N ARG A 16 -10.30 0.14 -1.43
CA ARG A 16 -10.97 1.32 -2.05
C ARG A 16 -10.23 1.69 -3.35
N SER A 17 -10.66 2.73 -4.02
CA SER A 17 -9.99 3.13 -5.29
C SER A 17 -8.48 3.13 -5.11
N LEU A 18 -7.76 2.55 -6.02
CA LEU A 18 -6.28 2.52 -5.92
C LEU A 18 -5.78 3.94 -5.62
N GLU A 19 -6.32 4.92 -6.29
CA GLU A 19 -5.88 6.32 -6.00
C GLU A 19 -6.04 6.57 -4.51
N THR A 20 -6.88 5.79 -3.87
CA THR A 20 -7.07 5.95 -2.41
C THR A 20 -5.76 5.54 -1.73
N VAL A 21 -5.20 4.44 -2.17
CA VAL A 21 -3.91 4.00 -1.59
C VAL A 21 -2.85 5.04 -1.93
N ARG A 22 -2.94 5.65 -3.07
CA ARG A 22 -1.92 6.68 -3.44
C ARG A 22 -1.86 7.71 -2.32
N ARG A 23 -3.00 8.12 -1.81
CA ARG A 23 -3.00 9.10 -0.70
C ARG A 23 -2.43 8.42 0.54
N TRP A 24 -2.76 7.18 0.76
CA TRP A 24 -2.22 6.47 1.94
C TRP A 24 -0.69 6.52 1.90
N VAL A 25 -0.11 6.15 0.80
CA VAL A 25 1.37 6.18 0.69
C VAL A 25 1.89 7.59 1.00
N ARG A 26 1.07 8.59 0.76
CA ARG A 26 1.51 10.00 1.03
C ARG A 26 1.24 10.34 2.50
N GLU A 27 0.15 9.89 3.04
CA GLU A 27 -0.17 10.21 4.47
C GLU A 27 0.65 9.29 5.38
N SER A 28 1.78 8.82 4.92
CA SER A 28 2.63 7.93 5.75
C SER A 28 1.77 6.86 6.42
N ARG A 29 0.74 6.41 5.76
CA ARG A 29 -0.13 5.35 6.36
C ARG A 29 0.47 3.99 6.01
N ILE A 30 1.08 3.88 4.87
CA ILE A 30 1.68 2.58 4.46
C ILE A 30 3.08 2.48 5.08
N PHE A 31 3.56 1.30 5.30
CA PHE A 31 4.92 1.18 5.90
C PHE A 31 5.42 -0.28 5.83
N PRO A 32 6.59 -0.56 5.25
CA PRO A 32 7.53 0.44 4.61
C PRO A 32 7.00 0.91 3.24
N PRO A 33 7.11 2.17 2.89
CA PRO A 33 6.63 2.66 1.56
C PRO A 33 7.10 1.76 0.40
N PRO A 34 6.42 1.78 -0.72
CA PRO A 34 6.78 0.95 -1.90
C PRO A 34 8.00 1.53 -2.63
N VAL A 35 8.54 0.80 -3.58
CA VAL A 35 9.73 1.33 -4.33
C VAL A 35 9.24 2.13 -5.54
N LYS A 36 9.58 3.38 -5.61
CA LYS A 36 9.14 4.21 -6.76
C LYS A 36 9.98 3.83 -7.99
N ASP A 37 9.64 2.76 -8.64
CA ASP A 37 10.41 2.33 -9.84
C ASP A 37 10.26 3.36 -10.96
N GLY A 38 10.76 4.54 -10.75
CA GLY A 38 10.66 5.60 -11.79
C GLY A 38 9.21 6.06 -11.94
N ARG A 39 8.31 5.14 -12.20
CA ARG A 39 6.87 5.52 -12.37
C ARG A 39 5.95 4.54 -11.63
N GLU A 40 6.35 3.29 -11.55
CA GLU A 40 5.48 2.28 -10.85
C GLU A 40 5.79 2.23 -9.36
N TYR A 41 5.09 1.38 -8.65
CA TYR A 41 5.29 1.23 -7.19
C TYR A 41 5.11 -0.24 -6.82
N LEU A 42 6.17 -0.94 -6.52
CA LEU A 42 6.02 -2.39 -6.16
C LEU A 42 5.76 -2.52 -4.67
N PHE A 43 4.70 -3.21 -4.32
CA PHE A 43 4.37 -3.41 -2.88
C PHE A 43 4.95 -4.74 -2.42
N HIS A 44 6.19 -4.77 -2.01
CA HIS A 44 6.79 -6.05 -1.56
C HIS A 44 5.86 -6.73 -0.56
N GLU A 45 6.15 -7.94 -0.17
CA GLU A 45 5.27 -8.65 0.80
C GLU A 45 5.55 -8.14 2.21
N SER A 46 6.25 -7.05 2.33
CA SER A 46 6.56 -6.47 3.68
C SER A 46 5.75 -5.19 3.89
N ALA A 47 4.92 -4.83 2.94
CA ALA A 47 4.09 -3.60 3.10
C ALA A 47 2.82 -3.95 3.87
N VAL A 48 2.38 -3.05 4.71
CA VAL A 48 1.13 -3.30 5.49
C VAL A 48 0.48 -1.96 5.80
N LYS A 49 -0.82 -1.89 5.75
CA LYS A 49 -1.52 -0.60 6.04
C LYS A 49 -1.68 -0.46 7.55
N VAL A 50 -1.47 0.71 8.07
CA VAL A 50 -1.61 0.92 9.54
C VAL A 50 -3.07 1.22 9.87
N ASP A 51 -3.51 0.89 11.06
CA ASP A 51 -4.93 1.16 11.41
C ASP A 51 -5.13 2.66 11.61
N LEU A 52 -5.31 3.08 12.84
CA LEU A 52 -5.52 4.53 13.12
C LEU A 52 -6.51 5.12 12.10
N ASN A 53 -7.29 4.29 11.47
CA ASN A 53 -8.26 4.79 10.46
C ASN A 53 -9.50 5.33 11.16
N ARG A 54 -9.42 5.56 12.45
CA ARG A 54 -10.61 6.09 13.18
C ARG A 54 -11.14 7.33 12.44
N PRO A 55 -12.44 7.49 12.30
CA PRO A 55 -13.04 8.67 11.60
C PRO A 55 -12.96 9.94 12.45
N MET A 1 6.41 -13.48 -7.07
CA MET A 1 6.28 -14.15 -5.77
C MET A 1 5.74 -13.17 -4.73
N TYR A 2 5.98 -11.90 -4.93
CA TYR A 2 5.47 -10.89 -3.96
C TYR A 2 4.06 -10.46 -4.35
N LEU A 3 3.67 -9.25 -4.04
CA LEU A 3 2.30 -8.78 -4.40
C LEU A 3 2.37 -7.34 -4.91
N THR A 4 2.07 -7.14 -6.16
CA THR A 4 2.14 -5.77 -6.74
C THR A 4 0.98 -4.93 -6.19
N LEU A 5 1.02 -3.64 -6.42
CA LEU A 5 -0.06 -2.73 -5.93
C LEU A 5 -1.42 -3.37 -6.16
N GLN A 6 -1.82 -3.47 -7.40
CA GLN A 6 -3.16 -4.05 -7.74
C GLN A 6 -3.49 -5.25 -6.84
N GLU A 7 -2.60 -6.20 -6.74
CA GLU A 7 -2.87 -7.39 -5.89
C GLU A 7 -2.71 -7.03 -4.40
N TRP A 8 -1.87 -6.07 -4.11
CA TRP A 8 -1.66 -5.68 -2.70
C TRP A 8 -2.99 -5.29 -2.05
N ASN A 9 -3.76 -4.47 -2.71
CA ASN A 9 -5.07 -4.05 -2.14
C ASN A 9 -6.11 -5.16 -2.34
N ALA A 10 -6.18 -5.70 -3.52
CA ALA A 10 -7.18 -6.78 -3.78
C ALA A 10 -6.97 -7.94 -2.79
N ARG A 11 -5.93 -7.87 -2.00
CA ARG A 11 -5.66 -8.96 -1.02
C ARG A 11 -6.37 -8.65 0.30
N GLN A 12 -6.63 -7.40 0.59
CA GLN A 12 -7.32 -7.06 1.86
C GLN A 12 -8.79 -7.47 1.77
N ARG A 13 -9.43 -7.67 2.89
CA ARG A 13 -10.86 -8.09 2.87
C ARG A 13 -11.74 -6.85 2.67
N ARG A 14 -11.17 -5.67 2.81
CA ARG A 14 -11.98 -4.43 2.63
C ARG A 14 -11.09 -3.32 2.07
N PRO A 15 -10.60 -3.49 0.87
CA PRO A 15 -9.73 -2.49 0.21
C PRO A 15 -10.53 -1.33 -0.39
N ARG A 16 -9.91 -0.54 -1.23
CA ARG A 16 -10.64 0.61 -1.85
C ARG A 16 -10.01 0.91 -3.22
N SER A 17 -10.33 2.06 -3.78
CA SER A 17 -9.75 2.42 -5.10
C SER A 17 -8.23 2.49 -5.00
N LEU A 18 -7.55 2.27 -6.09
CA LEU A 18 -6.06 2.33 -6.05
C LEU A 18 -5.61 3.79 -5.92
N GLU A 19 -6.39 4.71 -6.41
CA GLU A 19 -6.00 6.14 -6.27
C GLU A 19 -6.11 6.52 -4.81
N THR A 20 -7.01 5.89 -4.10
CA THR A 20 -7.15 6.19 -2.66
C THR A 20 -5.87 5.73 -1.97
N VAL A 21 -5.29 4.66 -2.44
CA VAL A 21 -4.02 4.18 -1.83
C VAL A 21 -2.93 5.21 -2.09
N ARG A 22 -2.93 5.81 -3.25
CA ARG A 22 -1.88 6.84 -3.53
C ARG A 22 -1.90 7.88 -2.42
N ARG A 23 -3.06 8.23 -1.93
CA ARG A 23 -3.15 9.23 -0.84
C ARG A 23 -2.57 8.61 0.43
N TRP A 24 -2.77 7.34 0.63
CA TRP A 24 -2.22 6.70 1.86
C TRP A 24 -0.71 6.94 1.91
N VAL A 25 -0.01 6.59 0.86
CA VAL A 25 1.47 6.79 0.85
C VAL A 25 1.79 8.26 1.07
N ARG A 26 1.01 9.15 0.53
CA ARG A 26 1.29 10.60 0.73
C ARG A 26 1.42 10.88 2.23
N GLU A 27 0.47 10.43 3.00
CA GLU A 27 0.53 10.65 4.48
C GLU A 27 1.50 9.65 5.09
N SER A 28 2.17 8.89 4.28
CA SER A 28 3.14 7.88 4.81
C SER A 28 2.48 7.00 5.86
N ARG A 29 1.32 6.47 5.58
CA ARG A 29 0.63 5.59 6.56
C ARG A 29 1.10 4.15 6.34
N ILE A 30 1.27 3.76 5.11
CA ILE A 30 1.74 2.38 4.82
C ILE A 30 3.20 2.26 5.21
N PHE A 31 3.65 1.07 5.54
CA PHE A 31 5.08 0.91 5.93
C PHE A 31 5.47 -0.58 5.85
N PRO A 32 6.64 -0.93 5.33
CA PRO A 32 7.66 0.02 4.77
C PRO A 32 7.23 0.59 3.39
N PRO A 33 7.43 1.86 3.13
CA PRO A 33 7.04 2.47 1.81
C PRO A 33 7.40 1.55 0.63
N PRO A 34 6.69 1.67 -0.48
CA PRO A 34 6.97 0.83 -1.69
C PRO A 34 8.20 1.32 -2.47
N VAL A 35 8.56 0.64 -3.52
CA VAL A 35 9.73 1.08 -4.33
C VAL A 35 9.24 2.02 -5.43
N LYS A 36 9.61 3.27 -5.37
CA LYS A 36 9.16 4.23 -6.41
C LYS A 36 9.94 3.95 -7.70
N ASP A 37 9.59 2.91 -8.40
CA ASP A 37 10.31 2.57 -9.66
C ASP A 37 10.07 3.67 -10.70
N GLY A 38 10.57 4.85 -10.46
CA GLY A 38 10.38 5.96 -11.42
C GLY A 38 8.93 6.43 -11.40
N ARG A 39 7.99 5.54 -11.56
CA ARG A 39 6.55 5.95 -11.54
C ARG A 39 5.69 4.83 -10.93
N GLU A 40 6.15 3.61 -10.96
CA GLU A 40 5.35 2.49 -10.39
C GLU A 40 5.65 2.34 -8.90
N TYR A 41 5.01 1.39 -8.26
CA TYR A 41 5.23 1.16 -6.80
C TYR A 41 5.13 -0.34 -6.51
N LEU A 42 6.24 -0.97 -6.23
CA LEU A 42 6.21 -2.44 -5.91
C LEU A 42 5.87 -2.62 -4.44
N PHE A 43 4.80 -3.30 -4.15
CA PHE A 43 4.40 -3.53 -2.72
C PHE A 43 4.88 -4.91 -2.27
N HIS A 44 6.08 -5.01 -1.77
CA HIS A 44 6.58 -6.33 -1.31
C HIS A 44 5.61 -6.90 -0.28
N GLU A 45 5.73 -8.15 0.04
CA GLU A 45 4.81 -8.77 1.04
C GLU A 45 5.12 -8.19 2.43
N SER A 46 5.89 -7.14 2.50
CA SER A 46 6.24 -6.51 3.81
C SER A 46 5.43 -5.22 4.00
N ALA A 47 4.68 -4.83 3.02
CA ALA A 47 3.88 -3.57 3.15
C ALA A 47 2.56 -3.87 3.86
N VAL A 48 2.03 -2.91 4.56
CA VAL A 48 0.73 -3.13 5.27
C VAL A 48 0.03 -1.78 5.43
N LYS A 49 -1.26 -1.75 5.29
CA LYS A 49 -2.00 -0.46 5.44
C LYS A 49 -2.24 -0.19 6.93
N VAL A 50 -1.66 0.86 7.45
CA VAL A 50 -1.86 1.20 8.89
C VAL A 50 -3.07 2.13 9.03
N ASP A 51 -3.60 2.26 10.21
CA ASP A 51 -4.78 3.15 10.42
C ASP A 51 -4.66 3.88 11.76
N LEU A 52 -5.48 3.55 12.71
CA LEU A 52 -5.42 4.23 14.04
C LEU A 52 -4.39 3.54 14.93
N ASN A 53 -4.76 2.42 15.49
CA ASN A 53 -3.83 1.68 16.38
C ASN A 53 -3.29 2.63 17.45
N ARG A 54 -3.87 3.80 17.56
CA ARG A 54 -3.40 4.76 18.60
C ARG A 54 -4.44 5.87 18.76
N PRO A 55 -5.63 5.53 19.18
CA PRO A 55 -6.74 6.50 19.38
C PRO A 55 -6.55 7.32 20.67
N MET A 1 6.47 -14.29 -2.17
CA MET A 1 7.02 -13.20 -1.30
C MET A 1 6.98 -11.88 -2.06
N TYR A 2 5.89 -11.58 -2.71
CA TYR A 2 5.79 -10.30 -3.47
C TYR A 2 4.35 -10.09 -3.93
N LEU A 3 3.83 -8.90 -3.76
CA LEU A 3 2.42 -8.62 -4.19
C LEU A 3 2.37 -7.24 -4.85
N THR A 4 1.89 -7.18 -6.06
CA THR A 4 1.81 -5.86 -6.76
C THR A 4 0.89 -4.92 -5.98
N LEU A 5 1.00 -3.65 -6.20
CA LEU A 5 0.12 -2.69 -5.48
C LEU A 5 -1.34 -3.15 -5.60
N GLN A 6 -1.88 -3.06 -6.77
CA GLN A 6 -3.30 -3.48 -6.98
C GLN A 6 -3.57 -4.81 -6.27
N GLU A 7 -2.61 -5.70 -6.28
CA GLU A 7 -2.83 -7.01 -5.60
C GLU A 7 -2.65 -6.85 -4.09
N TRP A 8 -1.65 -6.11 -3.68
CA TRP A 8 -1.41 -5.90 -2.22
C TRP A 8 -2.73 -5.57 -1.52
N ASN A 9 -3.53 -4.72 -2.11
CA ASN A 9 -4.83 -4.37 -1.48
C ASN A 9 -5.83 -5.49 -1.74
N ALA A 10 -5.68 -6.20 -2.83
CA ALA A 10 -6.61 -7.31 -3.14
C ALA A 10 -6.59 -8.34 -2.01
N ARG A 11 -5.59 -8.30 -1.18
CA ARG A 11 -5.50 -9.29 -0.06
C ARG A 11 -6.25 -8.73 1.16
N GLN A 12 -6.48 -7.44 1.20
CA GLN A 12 -7.21 -6.85 2.35
C GLN A 12 -8.69 -7.20 2.24
N ARG A 13 -9.35 -7.38 3.36
CA ARG A 13 -10.79 -7.71 3.33
C ARG A 13 -11.61 -6.46 3.01
N ARG A 14 -10.99 -5.31 3.02
CA ARG A 14 -11.74 -4.05 2.73
C ARG A 14 -10.81 -3.04 2.06
N PRO A 15 -10.43 -3.29 0.83
CA PRO A 15 -9.52 -2.38 0.07
C PRO A 15 -10.27 -1.20 -0.55
N ARG A 16 -9.64 -0.48 -1.44
CA ARG A 16 -10.31 0.69 -2.09
C ARG A 16 -9.77 0.85 -3.52
N SER A 17 -9.97 1.99 -4.12
CA SER A 17 -9.46 2.21 -5.50
C SER A 17 -7.94 2.39 -5.47
N LEU A 18 -7.33 2.48 -6.62
CA LEU A 18 -5.86 2.65 -6.68
C LEU A 18 -5.50 4.08 -6.29
N GLU A 19 -5.98 5.05 -7.03
CA GLU A 19 -5.65 6.47 -6.68
C GLU A 19 -5.91 6.69 -5.21
N THR A 20 -6.80 5.93 -4.63
CA THR A 20 -7.06 6.08 -3.18
C THR A 20 -5.81 5.64 -2.43
N VAL A 21 -5.18 4.60 -2.90
CA VAL A 21 -3.93 4.13 -2.23
C VAL A 21 -2.85 5.20 -2.41
N ARG A 22 -2.81 5.84 -3.55
CA ARG A 22 -1.78 6.90 -3.75
C ARG A 22 -1.86 7.89 -2.59
N ARG A 23 -3.05 8.18 -2.13
CA ARG A 23 -3.19 9.13 -0.99
C ARG A 23 -2.58 8.48 0.25
N TRP A 24 -2.82 7.21 0.42
CA TRP A 24 -2.26 6.51 1.61
C TRP A 24 -0.74 6.67 1.60
N VAL A 25 -0.11 6.38 0.49
CA VAL A 25 1.37 6.51 0.41
C VAL A 25 1.76 7.95 0.73
N ARG A 26 0.89 8.89 0.48
CA ARG A 26 1.22 10.31 0.78
C ARG A 26 0.97 10.59 2.26
N GLU A 27 -0.04 9.97 2.82
CA GLU A 27 -0.32 10.19 4.27
C GLU A 27 0.63 9.34 5.11
N SER A 28 1.58 8.70 4.47
CA SER A 28 2.55 7.86 5.23
C SER A 28 1.81 6.73 5.95
N ARG A 29 0.73 6.25 5.40
CA ARG A 29 -0.04 5.16 6.06
C ARG A 29 0.50 3.81 5.58
N ILE A 30 1.15 3.80 4.44
CA ILE A 30 1.71 2.53 3.91
C ILE A 30 3.11 2.32 4.53
N PHE A 31 3.33 1.22 5.19
CA PHE A 31 4.68 1.00 5.81
C PHE A 31 5.00 -0.53 5.83
N PRO A 32 6.13 -0.98 5.30
CA PRO A 32 7.19 -0.13 4.65
C PRO A 32 6.70 0.48 3.33
N PRO A 33 7.35 1.50 2.85
CA PRO A 33 6.96 2.17 1.57
C PRO A 33 7.33 1.31 0.33
N PRO A 34 6.60 1.45 -0.75
CA PRO A 34 6.87 0.67 -2.00
C PRO A 34 8.11 1.20 -2.73
N VAL A 35 8.61 0.46 -3.69
CA VAL A 35 9.81 0.91 -4.44
C VAL A 35 9.38 1.95 -5.50
N LYS A 36 9.99 3.09 -5.50
CA LYS A 36 9.64 4.14 -6.48
C LYS A 36 10.30 3.80 -7.81
N ASP A 37 9.77 2.85 -8.52
CA ASP A 37 10.37 2.45 -9.82
C ASP A 37 10.29 3.61 -10.82
N GLY A 38 10.99 4.68 -10.56
CA GLY A 38 10.96 5.84 -11.51
C GLY A 38 9.61 6.56 -11.41
N ARG A 39 8.53 5.85 -11.55
CA ARG A 39 7.18 6.50 -11.47
C ARG A 39 6.16 5.53 -10.86
N GLU A 40 6.38 4.25 -10.99
CA GLU A 40 5.40 3.27 -10.42
C GLU A 40 5.73 2.99 -8.95
N TYR A 41 4.93 2.19 -8.32
CA TYR A 41 5.16 1.86 -6.88
C TYR A 41 4.78 0.39 -6.65
N LEU A 42 5.74 -0.46 -6.46
CA LEU A 42 5.45 -1.91 -6.23
C LEU A 42 5.50 -2.21 -4.73
N PHE A 43 4.62 -3.04 -4.24
CA PHE A 43 4.61 -3.38 -2.79
C PHE A 43 5.50 -4.61 -2.57
N HIS A 44 6.42 -4.52 -1.64
CA HIS A 44 7.35 -5.66 -1.38
C HIS A 44 6.57 -6.92 -0.97
N GLU A 45 7.09 -7.65 -0.03
CA GLU A 45 6.42 -8.90 0.42
C GLU A 45 4.94 -8.64 0.71
N SER A 46 4.64 -7.90 1.74
CA SER A 46 3.23 -7.62 2.08
C SER A 46 3.16 -6.49 3.10
N ALA A 47 3.38 -5.29 2.67
CA ALA A 47 3.33 -4.13 3.60
C ALA A 47 2.03 -4.19 4.42
N VAL A 48 1.79 -3.23 5.27
CA VAL A 48 0.54 -3.25 6.08
C VAL A 48 0.09 -1.83 6.42
N LYS A 49 -1.18 -1.63 6.60
CA LYS A 49 -1.69 -0.27 6.95
C LYS A 49 -1.56 -0.04 8.45
N VAL A 50 -1.50 1.19 8.87
CA VAL A 50 -1.37 1.50 10.33
C VAL A 50 -2.48 2.47 10.74
N ASP A 51 -3.20 2.14 11.78
CA ASP A 51 -4.31 3.03 12.24
C ASP A 51 -4.74 2.57 13.64
N LEU A 52 -4.71 1.30 13.89
CA LEU A 52 -5.12 0.79 15.23
C LEU A 52 -3.96 0.95 16.22
N ASN A 53 -3.08 1.86 15.96
CA ASN A 53 -1.92 2.07 16.89
C ASN A 53 -1.36 3.48 16.70
N ARG A 54 -2.21 4.44 16.42
CA ARG A 54 -1.72 5.84 16.22
C ARG A 54 -0.74 5.87 15.04
N PRO A 55 -0.68 6.97 14.30
CA PRO A 55 0.25 7.10 13.15
C PRO A 55 1.61 6.41 13.40
N MET A 1 6.34 -12.98 -0.46
CA MET A 1 5.54 -13.14 -1.70
C MET A 1 5.38 -11.78 -2.38
N TYR A 2 6.15 -11.55 -3.42
CA TYR A 2 6.04 -10.24 -4.13
C TYR A 2 4.59 -10.02 -4.57
N LEU A 3 4.08 -8.83 -4.39
CA LEU A 3 2.66 -8.52 -4.80
C LEU A 3 2.63 -7.16 -5.49
N THR A 4 1.66 -6.93 -6.32
CA THR A 4 1.55 -5.62 -7.03
C THR A 4 0.56 -4.72 -6.28
N LEU A 5 0.66 -3.44 -6.48
CA LEU A 5 -0.28 -2.49 -5.78
C LEU A 5 -1.70 -3.03 -5.88
N GLN A 6 -2.15 -3.28 -7.08
CA GLN A 6 -3.53 -3.79 -7.29
C GLN A 6 -3.77 -5.03 -6.41
N GLU A 7 -2.90 -6.01 -6.50
CA GLU A 7 -3.07 -7.24 -5.68
C GLU A 7 -2.87 -6.92 -4.20
N TRP A 8 -1.84 -6.19 -3.87
CA TRP A 8 -1.56 -5.83 -2.46
C TRP A 8 -2.85 -5.41 -1.75
N ASN A 9 -3.69 -4.67 -2.41
CA ASN A 9 -4.97 -4.24 -1.78
C ASN A 9 -6.03 -5.32 -1.97
N ALA A 10 -6.14 -5.87 -3.14
CA ALA A 10 -7.15 -6.95 -3.39
C ALA A 10 -6.88 -8.12 -2.44
N ARG A 11 -5.85 -8.04 -1.64
CA ARG A 11 -5.53 -9.15 -0.70
C ARG A 11 -6.26 -8.92 0.62
N GLN A 12 -6.62 -7.70 0.91
CA GLN A 12 -7.33 -7.42 2.19
C GLN A 12 -8.77 -7.91 2.08
N ARG A 13 -9.50 -7.93 3.16
CA ARG A 13 -10.91 -8.39 3.12
C ARG A 13 -11.81 -7.26 2.65
N ARG A 14 -11.36 -6.04 2.79
CA ARG A 14 -12.19 -4.86 2.36
C ARG A 14 -11.28 -3.70 1.96
N PRO A 15 -10.71 -3.73 0.78
CA PRO A 15 -9.81 -2.67 0.28
C PRO A 15 -10.60 -1.50 -0.34
N ARG A 16 -9.95 -0.66 -1.11
CA ARG A 16 -10.67 0.48 -1.74
C ARG A 16 -9.99 0.84 -3.07
N SER A 17 -10.59 1.72 -3.82
CA SER A 17 -10.00 2.11 -5.14
C SER A 17 -8.51 2.39 -4.99
N LEU A 18 -7.78 2.33 -6.07
CA LEU A 18 -6.32 2.60 -6.00
C LEU A 18 -6.10 4.08 -5.68
N GLU A 19 -7.00 4.93 -6.08
CA GLU A 19 -6.83 6.38 -5.78
C GLU A 19 -6.83 6.56 -4.27
N THR A 20 -7.52 5.71 -3.57
CA THR A 20 -7.52 5.82 -2.09
C THR A 20 -6.12 5.45 -1.62
N VAL A 21 -5.52 4.48 -2.24
CA VAL A 21 -4.14 4.09 -1.85
C VAL A 21 -3.19 5.26 -2.18
N ARG A 22 -3.43 5.94 -3.27
CA ARG A 22 -2.53 7.09 -3.60
C ARG A 22 -2.45 8.02 -2.39
N ARG A 23 -3.54 8.21 -1.72
CA ARG A 23 -3.53 9.09 -0.51
C ARG A 23 -2.70 8.41 0.57
N TRP A 24 -2.83 7.12 0.70
CA TRP A 24 -2.04 6.38 1.72
C TRP A 24 -0.56 6.64 1.50
N VAL A 25 -0.10 6.42 0.30
CA VAL A 25 1.35 6.65 0.00
C VAL A 25 1.71 8.09 0.33
N ARG A 26 0.76 8.99 0.26
CA ARG A 26 1.06 10.42 0.58
C ARG A 26 1.05 10.61 2.10
N GLU A 27 0.11 10.01 2.77
CA GLU A 27 0.05 10.16 4.26
C GLU A 27 1.10 9.25 4.90
N SER A 28 1.96 8.67 4.09
CA SER A 28 3.01 7.77 4.63
C SER A 28 2.36 6.66 5.48
N ARG A 29 1.25 6.14 5.02
CA ARG A 29 0.58 5.04 5.79
C ARG A 29 1.13 3.69 5.35
N ILE A 30 1.69 3.64 4.16
CA ILE A 30 2.26 2.35 3.67
C ILE A 30 3.56 2.08 4.43
N PHE A 31 3.74 0.88 4.93
CA PHE A 31 5.01 0.58 5.68
C PHE A 31 5.37 -0.92 5.54
N PRO A 32 6.55 -1.27 5.05
CA PRO A 32 7.63 -0.32 4.59
C PRO A 32 7.25 0.35 3.25
N PRO A 33 7.55 1.61 3.05
CA PRO A 33 7.23 2.31 1.77
C PRO A 33 7.50 1.41 0.55
N PRO A 34 6.83 1.65 -0.56
CA PRO A 34 7.03 0.84 -1.79
C PRO A 34 8.31 1.25 -2.54
N VAL A 35 8.81 0.40 -3.40
CA VAL A 35 10.03 0.75 -4.15
C VAL A 35 9.68 1.76 -5.25
N LYS A 36 10.32 2.90 -5.23
CA LYS A 36 10.03 3.93 -6.26
C LYS A 36 10.75 3.56 -7.56
N ASP A 37 10.20 2.64 -8.31
CA ASP A 37 10.88 2.24 -9.58
C ASP A 37 10.85 3.42 -10.57
N GLY A 38 11.55 4.48 -10.23
CA GLY A 38 11.58 5.67 -11.14
C GLY A 38 10.24 6.39 -11.07
N ARG A 39 9.18 5.75 -11.49
CA ARG A 39 7.83 6.39 -11.47
C ARG A 39 6.79 5.43 -10.90
N GLU A 40 7.03 4.14 -10.98
CA GLU A 40 6.03 3.16 -10.45
C GLU A 40 6.26 2.89 -8.96
N TYR A 41 5.43 2.06 -8.39
CA TYR A 41 5.56 1.72 -6.94
C TYR A 41 5.14 0.26 -6.75
N LEU A 42 6.08 -0.61 -6.51
CA LEU A 42 5.72 -2.06 -6.32
C LEU A 42 5.54 -2.35 -4.83
N PHE A 43 4.48 -3.01 -4.48
CA PHE A 43 4.22 -3.35 -3.04
C PHE A 43 4.79 -4.73 -2.74
N HIS A 44 5.91 -4.78 -2.06
CA HIS A 44 6.54 -6.09 -1.74
C HIS A 44 5.50 -7.01 -1.07
N GLU A 45 5.56 -7.15 0.22
CA GLU A 45 4.58 -8.03 0.92
C GLU A 45 4.38 -7.52 2.35
N SER A 46 5.44 -7.18 3.02
CA SER A 46 5.33 -6.69 4.42
C SER A 46 4.66 -5.31 4.42
N ALA A 47 4.09 -4.91 3.31
CA ALA A 47 3.43 -3.58 3.26
C ALA A 47 2.08 -3.68 3.96
N VAL A 48 1.78 -2.74 4.81
CA VAL A 48 0.48 -2.77 5.53
C VAL A 48 0.09 -1.33 5.87
N LYS A 49 -1.19 -1.04 5.87
CA LYS A 49 -1.64 0.35 6.18
C LYS A 49 -1.69 0.55 7.70
N VAL A 50 -1.58 1.77 8.14
CA VAL A 50 -1.60 2.05 9.60
C VAL A 50 -2.31 3.39 9.84
N ASP A 51 -2.76 3.63 11.04
CA ASP A 51 -3.45 4.92 11.34
C ASP A 51 -2.99 5.45 12.69
N LEU A 52 -3.62 5.03 13.76
CA LEU A 52 -3.20 5.52 15.10
C LEU A 52 -3.29 7.05 15.13
N ASN A 53 -4.45 7.59 14.92
CA ASN A 53 -4.60 9.07 14.94
C ASN A 53 -4.08 9.64 16.26
N ARG A 54 -4.09 8.85 17.30
CA ARG A 54 -3.60 9.32 18.64
C ARG A 54 -2.69 8.25 19.25
N PRO A 55 -1.44 8.21 18.86
CA PRO A 55 -0.47 7.21 19.39
C PRO A 55 -0.47 7.15 20.92
N MET A 1 4.65 -14.31 -1.05
CA MET A 1 5.54 -13.81 -2.14
C MET A 1 5.26 -12.33 -2.38
N TYR A 2 6.10 -11.69 -3.15
CA TYR A 2 5.89 -10.24 -3.44
C TYR A 2 4.45 -10.00 -3.87
N LEU A 3 3.99 -8.76 -3.80
CA LEU A 3 2.58 -8.46 -4.21
C LEU A 3 2.54 -7.04 -4.79
N THR A 4 2.19 -6.91 -6.04
CA THR A 4 2.12 -5.56 -6.65
C THR A 4 0.90 -4.80 -6.10
N LEU A 5 0.89 -3.50 -6.25
CA LEU A 5 -0.26 -2.69 -5.74
C LEU A 5 -1.58 -3.39 -6.09
N GLN A 6 -1.81 -3.60 -7.37
CA GLN A 6 -3.07 -4.27 -7.80
C GLN A 6 -3.37 -5.48 -6.92
N GLU A 7 -2.44 -6.39 -6.80
CA GLU A 7 -2.69 -7.60 -5.97
C GLU A 7 -2.53 -7.26 -4.48
N TRP A 8 -1.88 -6.17 -4.18
CA TRP A 8 -1.68 -5.79 -2.76
C TRP A 8 -3.04 -5.60 -2.07
N ASN A 9 -3.92 -4.83 -2.67
CA ASN A 9 -5.25 -4.60 -2.04
C ASN A 9 -6.23 -5.71 -2.46
N ALA A 10 -5.98 -6.36 -3.56
CA ALA A 10 -6.91 -7.44 -4.01
C ALA A 10 -6.99 -8.54 -2.94
N ARG A 11 -5.96 -8.71 -2.15
CA ARG A 11 -5.99 -9.77 -1.10
C ARG A 11 -6.63 -9.23 0.17
N GLN A 12 -6.79 -7.93 0.27
CA GLN A 12 -7.41 -7.35 1.49
C GLN A 12 -8.92 -7.61 1.45
N ARG A 13 -9.49 -7.99 2.57
CA ARG A 13 -10.96 -8.26 2.59
C ARG A 13 -11.73 -6.94 2.71
N ARG A 14 -11.04 -5.84 2.81
CA ARG A 14 -11.74 -4.53 2.93
C ARG A 14 -10.88 -3.42 2.32
N PRO A 15 -10.67 -3.48 1.03
CA PRO A 15 -9.85 -2.47 0.29
C PRO A 15 -10.66 -1.24 -0.09
N ARG A 16 -10.12 -0.40 -0.94
CA ARG A 16 -10.85 0.82 -1.38
C ARG A 16 -10.39 1.20 -2.78
N SER A 17 -10.63 2.42 -3.20
CA SER A 17 -10.20 2.84 -4.57
C SER A 17 -8.67 2.81 -4.65
N LEU A 18 -8.15 2.48 -5.80
CA LEU A 18 -6.67 2.43 -5.95
C LEU A 18 -6.10 3.85 -5.81
N GLU A 19 -6.91 4.85 -5.96
CA GLU A 19 -6.40 6.24 -5.85
C GLU A 19 -6.30 6.65 -4.37
N THR A 20 -7.21 6.24 -3.55
CA THR A 20 -7.09 6.63 -2.12
C THR A 20 -5.84 5.98 -1.57
N VAL A 21 -5.44 4.86 -2.13
CA VAL A 21 -4.22 4.18 -1.65
C VAL A 21 -3.03 5.09 -1.99
N ARG A 22 -2.99 5.62 -3.19
CA ARG A 22 -1.85 6.51 -3.54
C ARG A 22 -1.72 7.59 -2.47
N ARG A 23 -2.83 8.05 -1.95
CA ARG A 23 -2.80 9.10 -0.90
C ARG A 23 -2.23 8.51 0.38
N TRP A 24 -2.50 7.26 0.66
CA TRP A 24 -1.97 6.64 1.91
C TRP A 24 -0.45 6.81 1.96
N VAL A 25 0.23 6.40 0.94
CA VAL A 25 1.71 6.52 0.94
C VAL A 25 2.11 7.98 1.20
N ARG A 26 1.53 8.89 0.47
CA ARG A 26 1.87 10.33 0.68
C ARG A 26 1.72 10.65 2.18
N GLU A 27 0.69 10.15 2.79
CA GLU A 27 0.49 10.40 4.24
C GLU A 27 1.36 9.44 5.05
N SER A 28 2.22 8.71 4.39
CA SER A 28 3.10 7.75 5.11
C SER A 28 2.26 6.88 6.05
N ARG A 29 1.16 6.37 5.57
CA ARG A 29 0.29 5.51 6.43
C ARG A 29 0.73 4.05 6.26
N ILE A 30 1.17 3.69 5.08
CA ILE A 30 1.61 2.28 4.86
C ILE A 30 3.06 2.13 5.32
N PHE A 31 3.51 0.92 5.53
CA PHE A 31 4.93 0.73 5.96
C PHE A 31 5.38 -0.71 5.66
N PRO A 32 6.53 -0.94 5.02
CA PRO A 32 7.46 0.13 4.52
C PRO A 32 6.87 0.89 3.30
N PRO A 33 7.39 2.05 3.00
CA PRO A 33 6.90 2.87 1.85
C PRO A 33 7.31 2.25 0.49
N PRO A 34 6.37 2.02 -0.41
CA PRO A 34 6.68 1.42 -1.75
C PRO A 34 7.95 2.03 -2.37
N VAL A 35 8.41 1.48 -3.47
CA VAL A 35 9.65 1.99 -4.14
C VAL A 35 9.30 2.77 -5.41
N LYS A 36 9.95 3.88 -5.63
CA LYS A 36 9.70 4.67 -6.87
C LYS A 36 10.41 3.94 -8.02
N ASP A 37 9.96 2.77 -8.36
CA ASP A 37 10.62 2.01 -9.44
C ASP A 37 10.54 2.75 -10.77
N GLY A 38 11.29 3.82 -10.89
CA GLY A 38 11.31 4.60 -12.16
C GLY A 38 10.01 5.35 -12.35
N ARG A 39 8.91 4.66 -12.47
CA ARG A 39 7.60 5.35 -12.70
C ARG A 39 6.46 4.56 -12.05
N GLU A 40 6.75 3.70 -11.10
CA GLU A 40 5.66 2.92 -10.46
C GLU A 40 5.99 2.66 -8.98
N TYR A 41 5.01 2.18 -8.26
CA TYR A 41 5.21 1.88 -6.81
C TYR A 41 5.14 0.36 -6.60
N LEU A 42 6.25 -0.25 -6.32
CA LEU A 42 6.27 -1.72 -6.10
C LEU A 42 5.91 -1.98 -4.63
N PHE A 43 4.91 -2.79 -4.38
CA PHE A 43 4.49 -3.08 -2.98
C PHE A 43 5.12 -4.39 -2.51
N HIS A 44 5.92 -4.34 -1.48
CA HIS A 44 6.55 -5.58 -0.96
C HIS A 44 5.57 -6.28 -0.01
N GLU A 45 5.58 -7.59 0.01
CA GLU A 45 4.63 -8.33 0.90
C GLU A 45 4.64 -7.69 2.29
N SER A 46 5.76 -7.16 2.71
CA SER A 46 5.84 -6.54 4.06
C SER A 46 5.02 -5.26 4.10
N ALA A 47 4.37 -4.90 3.03
CA ALA A 47 3.55 -3.65 3.02
C ALA A 47 2.23 -3.92 3.73
N VAL A 48 1.78 -3.00 4.54
CA VAL A 48 0.49 -3.19 5.26
C VAL A 48 -0.11 -1.82 5.58
N LYS A 49 -1.41 -1.71 5.59
CA LYS A 49 -2.05 -0.41 5.90
C LYS A 49 -2.15 -0.24 7.43
N VAL A 50 -1.81 0.92 7.94
CA VAL A 50 -1.87 1.15 9.41
C VAL A 50 -3.26 1.68 9.78
N ASP A 51 -3.64 1.54 11.02
CA ASP A 51 -4.98 2.04 11.45
C ASP A 51 -5.01 2.19 12.97
N LEU A 52 -4.38 1.29 13.68
CA LEU A 52 -4.38 1.38 15.17
C LEU A 52 -3.48 2.54 15.61
N ASN A 53 -3.16 3.43 14.70
CA ASN A 53 -2.29 4.59 15.08
C ASN A 53 -3.12 5.63 15.82
N ARG A 54 -4.28 5.27 16.29
CA ARG A 54 -5.12 6.25 17.02
C ARG A 54 -4.33 6.81 18.22
N PRO A 55 -4.47 8.07 18.54
CA PRO A 55 -3.74 8.70 19.68
C PRO A 55 -4.31 8.25 21.03
N MET A 1 8.13 -14.48 -5.23
CA MET A 1 7.58 -13.25 -5.88
C MET A 1 6.81 -12.44 -4.83
N TYR A 2 6.96 -11.14 -4.85
CA TYR A 2 6.23 -10.29 -3.86
C TYR A 2 4.80 -10.04 -4.34
N LEU A 3 4.21 -8.94 -3.95
CA LEU A 3 2.81 -8.63 -4.38
C LEU A 3 2.75 -7.21 -4.94
N THR A 4 2.40 -7.08 -6.19
CA THR A 4 2.32 -5.73 -6.81
C THR A 4 1.17 -4.95 -6.15
N LEU A 5 1.11 -3.66 -6.38
CA LEU A 5 0.01 -2.84 -5.78
C LEU A 5 -1.32 -3.56 -5.96
N GLN A 6 -1.68 -3.87 -7.18
CA GLN A 6 -2.96 -4.57 -7.46
C GLN A 6 -3.18 -5.69 -6.45
N GLU A 7 -2.43 -6.76 -6.55
CA GLU A 7 -2.61 -7.89 -5.60
C GLU A 7 -2.47 -7.38 -4.16
N TRP A 8 -1.46 -6.61 -3.89
CA TRP A 8 -1.27 -6.08 -2.51
C TRP A 8 -2.59 -5.52 -1.97
N ASN A 9 -3.37 -4.90 -2.82
CA ASN A 9 -4.68 -4.33 -2.36
C ASN A 9 -5.75 -5.42 -2.39
N ALA A 10 -5.71 -6.29 -3.36
CA ALA A 10 -6.73 -7.36 -3.44
C ALA A 10 -6.69 -8.23 -2.18
N ARG A 11 -5.70 -8.03 -1.33
CA ARG A 11 -5.61 -8.85 -0.09
C ARG A 11 -6.39 -8.17 1.04
N GLN A 12 -6.59 -6.89 0.95
CA GLN A 12 -7.35 -6.18 2.03
C GLN A 12 -8.82 -6.56 1.93
N ARG A 13 -9.46 -6.83 3.03
CA ARG A 13 -10.90 -7.21 2.99
C ARG A 13 -11.77 -5.95 2.86
N ARG A 14 -11.15 -4.79 2.84
CA ARG A 14 -11.94 -3.54 2.70
C ARG A 14 -11.10 -2.47 1.99
N PRO A 15 -10.78 -2.71 0.74
CA PRO A 15 -9.97 -1.77 -0.08
C PRO A 15 -10.83 -0.70 -0.76
N ARG A 16 -10.25 0.02 -1.69
CA ARG A 16 -11.03 1.06 -2.43
C ARG A 16 -10.41 1.25 -3.82
N SER A 17 -10.11 2.46 -4.20
CA SER A 17 -9.51 2.69 -5.55
C SER A 17 -7.98 2.56 -5.46
N LEU A 18 -7.34 2.34 -6.57
CA LEU A 18 -5.86 2.20 -6.56
C LEU A 18 -5.25 3.57 -6.24
N GLU A 19 -5.78 4.62 -6.81
CA GLU A 19 -5.23 5.97 -6.54
C GLU A 19 -5.55 6.36 -5.09
N THR A 20 -6.55 5.76 -4.52
CA THR A 20 -6.88 6.10 -3.11
C THR A 20 -5.72 5.62 -2.24
N VAL A 21 -5.14 4.50 -2.58
CA VAL A 21 -3.98 4.00 -1.79
C VAL A 21 -2.82 4.97 -1.95
N ARG A 22 -2.62 5.49 -3.13
CA ARG A 22 -1.49 6.46 -3.33
C ARG A 22 -1.61 7.56 -2.27
N ARG A 23 -2.81 7.95 -1.94
CA ARG A 23 -2.99 9.00 -0.90
C ARG A 23 -2.48 8.45 0.43
N TRP A 24 -2.80 7.22 0.71
CA TRP A 24 -2.35 6.62 1.99
C TRP A 24 -0.82 6.68 2.06
N VAL A 25 -0.15 6.26 1.02
CA VAL A 25 1.33 6.29 1.02
C VAL A 25 1.81 7.73 1.22
N ARG A 26 1.04 8.68 0.79
CA ARG A 26 1.46 10.11 0.96
C ARG A 26 1.55 10.44 2.45
N GLU A 27 0.53 10.13 3.19
CA GLU A 27 0.55 10.42 4.65
C GLU A 27 1.36 9.35 5.37
N SER A 28 2.21 8.66 4.64
CA SER A 28 3.05 7.60 5.26
C SER A 28 2.20 6.74 6.19
N ARG A 29 1.06 6.29 5.72
CA ARG A 29 0.19 5.42 6.57
C ARG A 29 0.60 3.96 6.38
N ILE A 30 0.98 3.60 5.19
CA ILE A 30 1.40 2.19 4.94
C ILE A 30 2.88 2.03 5.30
N PHE A 31 3.34 0.82 5.51
CA PHE A 31 4.78 0.64 5.85
C PHE A 31 5.18 -0.84 5.69
N PRO A 32 6.34 -1.15 5.11
CA PRO A 32 7.32 -0.17 4.56
C PRO A 32 6.83 0.45 3.25
N PRO A 33 7.46 1.50 2.79
CA PRO A 33 7.06 2.20 1.52
C PRO A 33 7.48 1.39 0.28
N PRO A 34 6.75 1.50 -0.81
CA PRO A 34 7.08 0.77 -2.07
C PRO A 34 8.23 1.43 -2.84
N VAL A 35 8.69 0.78 -3.88
CA VAL A 35 9.82 1.36 -4.68
C VAL A 35 9.24 2.31 -5.73
N LYS A 36 9.56 3.57 -5.65
CA LYS A 36 9.03 4.54 -6.65
C LYS A 36 9.78 4.31 -7.98
N ASP A 37 9.46 3.25 -8.66
CA ASP A 37 10.15 2.96 -9.96
C ASP A 37 9.81 4.05 -10.98
N GLY A 38 10.25 5.26 -10.74
CA GLY A 38 9.98 6.37 -11.70
C GLY A 38 8.48 6.71 -11.69
N ARG A 39 7.63 5.74 -11.83
CA ARG A 39 6.16 6.02 -11.83
C ARG A 39 5.39 4.86 -11.19
N GLU A 40 5.91 3.67 -11.25
CA GLU A 40 5.20 2.51 -10.65
C GLU A 40 5.54 2.41 -9.16
N TYR A 41 4.95 1.45 -8.49
CA TYR A 41 5.21 1.27 -7.03
C TYR A 41 5.18 -0.22 -6.69
N LEU A 42 6.33 -0.80 -6.42
CA LEU A 42 6.35 -2.25 -6.07
C LEU A 42 6.01 -2.41 -4.59
N PHE A 43 4.96 -3.10 -4.28
CA PHE A 43 4.56 -3.30 -2.86
C PHE A 43 5.13 -4.61 -2.33
N HIS A 44 6.18 -4.55 -1.57
CA HIS A 44 6.78 -5.79 -1.02
C HIS A 44 5.74 -6.54 -0.19
N GLU A 45 5.98 -7.78 0.13
CA GLU A 45 5.01 -8.56 0.94
C GLU A 45 5.03 -8.05 2.38
N SER A 46 5.83 -7.05 2.67
CA SER A 46 5.92 -6.51 4.06
C SER A 46 5.06 -5.25 4.18
N ALA A 47 4.56 -4.74 3.08
CA ALA A 47 3.71 -3.51 3.15
C ALA A 47 2.35 -3.87 3.73
N VAL A 48 1.83 -3.03 4.59
CA VAL A 48 0.50 -3.31 5.20
C VAL A 48 -0.15 -1.98 5.60
N LYS A 49 -1.44 -1.89 5.55
CA LYS A 49 -2.12 -0.62 5.95
C LYS A 49 -2.23 -0.57 7.47
N VAL A 50 -1.82 0.52 8.05
CA VAL A 50 -1.89 0.66 9.54
C VAL A 50 -3.26 1.24 9.92
N ASP A 51 -3.64 1.09 11.16
CA ASP A 51 -4.96 1.62 11.63
C ASP A 51 -4.75 2.88 12.47
N LEU A 52 -5.01 2.81 13.75
CA LEU A 52 -4.82 4.00 14.63
C LEU A 52 -4.38 3.54 16.03
N ASN A 53 -3.49 2.59 16.09
CA ASN A 53 -3.02 2.09 17.41
C ASN A 53 -1.87 2.98 17.91
N ARG A 54 -1.35 3.82 17.05
CA ARG A 54 -0.23 4.72 17.46
C ARG A 54 -0.39 6.09 16.78
N PRO A 55 -1.47 6.76 17.07
CA PRO A 55 -1.76 8.11 16.48
C PRO A 55 -0.93 9.21 17.15
N MET A 1 6.13 -13.90 -4.68
CA MET A 1 7.25 -13.32 -3.91
C MET A 1 7.07 -11.81 -3.78
N TYR A 2 6.54 -11.18 -4.80
CA TYR A 2 6.32 -9.69 -4.77
C TYR A 2 4.85 -9.40 -5.12
N LEU A 3 4.16 -8.66 -4.29
CA LEU A 3 2.72 -8.34 -4.56
C LEU A 3 2.61 -6.91 -5.08
N THR A 4 2.33 -6.74 -6.35
CA THR A 4 2.20 -5.38 -6.90
C THR A 4 1.02 -4.68 -6.22
N LEU A 5 0.93 -3.38 -6.34
CA LEU A 5 -0.21 -2.64 -5.72
C LEU A 5 -1.52 -3.37 -6.02
N GLN A 6 -1.80 -3.59 -7.28
CA GLN A 6 -3.06 -4.29 -7.67
C GLN A 6 -3.28 -5.51 -6.76
N GLU A 7 -2.33 -6.40 -6.73
CA GLU A 7 -2.50 -7.62 -5.87
C GLU A 7 -2.43 -7.22 -4.40
N TRP A 8 -1.61 -6.26 -4.07
CA TRP A 8 -1.50 -5.82 -2.65
C TRP A 8 -2.90 -5.57 -2.08
N ASN A 9 -3.69 -4.79 -2.76
CA ASN A 9 -5.07 -4.50 -2.28
C ASN A 9 -5.88 -5.80 -2.30
N ALA A 10 -5.60 -6.67 -3.23
CA ALA A 10 -6.36 -7.95 -3.30
C ALA A 10 -6.20 -8.72 -1.98
N ARG A 11 -5.21 -8.38 -1.21
CA ARG A 11 -4.99 -9.10 0.09
C ARG A 11 -5.83 -8.42 1.18
N GLN A 12 -6.09 -7.16 1.06
CA GLN A 12 -6.90 -6.47 2.10
C GLN A 12 -8.36 -6.90 1.96
N ARG A 13 -9.03 -7.16 3.06
CA ARG A 13 -10.45 -7.58 2.99
C ARG A 13 -11.33 -6.34 2.78
N ARG A 14 -10.74 -5.19 2.82
CA ARG A 14 -11.53 -3.93 2.64
C ARG A 14 -10.66 -2.87 1.97
N PRO A 15 -10.29 -3.10 0.73
CA PRO A 15 -9.45 -2.15 -0.05
C PRO A 15 -10.27 -1.01 -0.65
N ARG A 16 -9.67 -0.27 -1.55
CA ARG A 16 -10.40 0.86 -2.20
C ARG A 16 -9.80 1.13 -3.57
N SER A 17 -10.04 2.28 -4.12
CA SER A 17 -9.47 2.60 -5.46
C SER A 17 -7.94 2.61 -5.38
N LEU A 18 -7.29 2.65 -6.50
CA LEU A 18 -5.80 2.66 -6.49
C LEU A 18 -5.32 4.07 -6.13
N GLU A 19 -5.85 5.08 -6.76
CA GLU A 19 -5.44 6.46 -6.42
C GLU A 19 -5.77 6.72 -4.96
N THR A 20 -6.73 6.01 -4.43
CA THR A 20 -7.09 6.20 -3.00
C THR A 20 -5.89 5.74 -2.17
N VAL A 21 -5.28 4.65 -2.56
CA VAL A 21 -4.10 4.15 -1.82
C VAL A 21 -2.99 5.19 -1.95
N ARG A 22 -2.91 5.86 -3.08
CA ARG A 22 -1.85 6.88 -3.26
C ARG A 22 -1.95 7.90 -2.13
N ARG A 23 -3.14 8.20 -1.69
CA ARG A 23 -3.31 9.16 -0.58
C ARG A 23 -2.73 8.54 0.70
N TRP A 24 -2.95 7.27 0.89
CA TRP A 24 -2.41 6.62 2.11
C TRP A 24 -0.90 6.86 2.20
N VAL A 25 -0.18 6.54 1.15
CA VAL A 25 1.29 6.75 1.17
C VAL A 25 1.59 8.23 1.40
N ARG A 26 0.74 9.10 0.94
CA ARG A 26 0.99 10.56 1.14
C ARG A 26 1.20 10.82 2.63
N GLU A 27 0.30 10.36 3.45
CA GLU A 27 0.45 10.57 4.92
C GLU A 27 1.45 9.57 5.47
N SER A 28 1.90 8.65 4.66
CA SER A 28 2.89 7.64 5.12
C SER A 28 2.29 6.71 6.17
N ARG A 29 1.08 6.25 5.95
CA ARG A 29 0.44 5.33 6.93
C ARG A 29 0.89 3.89 6.63
N ILE A 30 1.07 3.57 5.37
CA ILE A 30 1.51 2.20 5.02
C ILE A 30 2.96 1.99 5.47
N PHE A 31 3.38 0.78 5.67
CA PHE A 31 4.78 0.55 6.10
C PHE A 31 5.15 -0.95 5.96
N PRO A 32 6.26 -1.30 5.34
CA PRO A 32 7.24 -0.35 4.71
C PRO A 32 6.68 0.27 3.41
N PRO A 33 7.35 1.27 2.87
CA PRO A 33 6.89 1.95 1.63
C PRO A 33 7.29 1.16 0.36
N PRO A 34 6.58 1.35 -0.74
CA PRO A 34 6.88 0.65 -2.03
C PRO A 34 8.08 1.29 -2.75
N VAL A 35 8.68 0.57 -3.67
CA VAL A 35 9.84 1.14 -4.42
C VAL A 35 9.30 2.05 -5.53
N LYS A 36 9.75 3.27 -5.58
CA LYS A 36 9.28 4.20 -6.63
C LYS A 36 9.97 3.85 -7.95
N ASP A 37 9.50 2.83 -8.61
CA ASP A 37 10.15 2.44 -9.90
C ASP A 37 9.95 3.54 -10.95
N GLY A 38 10.53 4.69 -10.73
CA GLY A 38 10.40 5.81 -11.70
C GLY A 38 8.95 6.28 -11.79
N ARG A 39 8.03 5.39 -12.10
CA ARG A 39 6.59 5.80 -12.22
C ARG A 39 5.71 4.78 -11.49
N GLU A 40 6.09 3.53 -11.47
CA GLU A 40 5.25 2.50 -10.79
C GLU A 40 5.61 2.41 -9.31
N TYR A 41 4.95 1.52 -8.61
CA TYR A 41 5.22 1.36 -7.16
C TYR A 41 4.97 -0.10 -6.79
N LEU A 42 6.02 -0.85 -6.53
CA LEU A 42 5.82 -2.29 -6.16
C LEU A 42 5.62 -2.41 -4.65
N PHE A 43 4.59 -3.09 -4.24
CA PHE A 43 4.33 -3.26 -2.78
C PHE A 43 4.91 -4.60 -2.32
N HIS A 44 6.02 -4.56 -1.63
CA HIS A 44 6.64 -5.82 -1.15
C HIS A 44 5.60 -6.65 -0.38
N GLU A 45 5.83 -7.92 -0.23
CA GLU A 45 4.87 -8.77 0.51
C GLU A 45 4.98 -8.49 2.01
N SER A 46 5.34 -7.27 2.37
CA SER A 46 5.46 -6.91 3.82
C SER A 46 4.79 -5.56 4.06
N ALA A 47 4.14 -5.02 3.07
CA ALA A 47 3.45 -3.71 3.25
C ALA A 47 2.09 -3.95 3.89
N VAL A 48 1.60 -2.99 4.63
CA VAL A 48 0.27 -3.15 5.30
C VAL A 48 -0.34 -1.78 5.48
N LYS A 49 -1.65 -1.68 5.42
CA LYS A 49 -2.31 -0.35 5.60
C LYS A 49 -2.35 -0.01 7.09
N VAL A 50 -2.41 1.26 7.41
CA VAL A 50 -2.45 1.67 8.85
C VAL A 50 -3.32 2.92 8.99
N ASP A 51 -3.74 3.21 10.19
CA ASP A 51 -4.62 4.42 10.42
C ASP A 51 -4.00 5.30 11.51
N LEU A 52 -4.27 5.02 12.75
CA LEU A 52 -3.71 5.85 13.87
C LEU A 52 -3.33 4.94 15.03
N ASN A 53 -2.87 3.75 14.76
CA ASN A 53 -2.48 2.82 15.86
C ASN A 53 -1.26 3.38 16.59
N ARG A 54 -0.86 4.59 16.27
CA ARG A 54 0.32 5.20 16.95
C ARG A 54 0.17 6.72 16.94
N PRO A 55 0.72 7.42 17.92
CA PRO A 55 0.62 8.89 17.99
C PRO A 55 0.72 9.56 16.61
N MET A 1 7.64 -14.88 -4.41
CA MET A 1 7.56 -13.53 -5.05
C MET A 1 6.72 -12.60 -4.18
N TYR A 2 6.81 -11.32 -4.40
CA TYR A 2 6.01 -10.35 -3.60
C TYR A 2 4.68 -10.07 -4.29
N LEU A 3 4.09 -8.93 -4.05
CA LEU A 3 2.78 -8.59 -4.70
C LEU A 3 2.80 -7.12 -5.14
N THR A 4 2.17 -6.83 -6.25
CA THR A 4 2.15 -5.42 -6.75
C THR A 4 0.99 -4.66 -6.11
N LEU A 5 0.96 -3.37 -6.28
CA LEU A 5 -0.14 -2.55 -5.70
C LEU A 5 -1.49 -3.20 -6.03
N GLN A 6 -1.75 -3.38 -7.28
CA GLN A 6 -3.06 -4.00 -7.70
C GLN A 6 -3.41 -5.19 -6.80
N GLU A 7 -2.53 -6.15 -6.68
CA GLU A 7 -2.84 -7.33 -5.82
C GLU A 7 -2.66 -6.97 -4.34
N TRP A 8 -1.56 -6.37 -4.00
CA TRP A 8 -1.32 -6.00 -2.57
C TRP A 8 -2.58 -5.35 -1.97
N ASN A 9 -3.35 -4.67 -2.78
CA ASN A 9 -4.58 -4.02 -2.26
C ASN A 9 -5.72 -5.04 -2.22
N ALA A 10 -5.91 -5.78 -3.28
CA ALA A 10 -7.00 -6.80 -3.30
C ALA A 10 -6.80 -7.81 -2.17
N ARG A 11 -5.74 -7.67 -1.42
CA ARG A 11 -5.50 -8.64 -0.31
C ARG A 11 -6.19 -8.15 0.97
N GLN A 12 -6.48 -6.87 1.06
CA GLN A 12 -7.16 -6.35 2.28
C GLN A 12 -8.62 -6.80 2.28
N ARG A 13 -9.19 -7.01 3.44
CA ARG A 13 -10.61 -7.45 3.50
C ARG A 13 -11.54 -6.26 3.22
N ARG A 14 -10.99 -5.07 3.20
CA ARG A 14 -11.82 -3.86 2.94
C ARG A 14 -10.98 -2.83 2.20
N PRO A 15 -10.65 -3.09 0.96
CA PRO A 15 -9.83 -2.17 0.13
C PRO A 15 -10.68 -1.05 -0.49
N ARG A 16 -10.10 -0.31 -1.40
CA ARG A 16 -10.85 0.79 -2.05
C ARG A 16 -10.23 1.08 -3.42
N SER A 17 -10.47 2.25 -3.96
CA SER A 17 -9.90 2.58 -5.29
C SER A 17 -8.38 2.73 -5.17
N LEU A 18 -7.66 2.35 -6.20
CA LEU A 18 -6.18 2.46 -6.15
C LEU A 18 -5.78 3.94 -6.09
N GLU A 19 -6.73 4.82 -6.29
CA GLU A 19 -6.39 6.27 -6.25
C GLU A 19 -6.29 6.73 -4.79
N THR A 20 -7.21 6.33 -3.96
CA THR A 20 -7.12 6.75 -2.54
C THR A 20 -5.85 6.11 -1.97
N VAL A 21 -5.44 5.01 -2.55
CA VAL A 21 -4.20 4.36 -2.07
C VAL A 21 -3.04 5.31 -2.36
N ARG A 22 -3.05 5.96 -3.49
CA ARG A 22 -1.94 6.92 -3.79
C ARG A 22 -1.84 7.89 -2.62
N ARG A 23 -2.96 8.31 -2.10
CA ARG A 23 -2.96 9.23 -0.96
C ARG A 23 -2.43 8.49 0.28
N TRP A 24 -2.79 7.24 0.43
CA TRP A 24 -2.31 6.47 1.60
C TRP A 24 -0.78 6.51 1.65
N VAL A 25 -0.15 6.13 0.58
CA VAL A 25 1.34 6.14 0.56
C VAL A 25 1.83 7.56 0.85
N ARG A 26 1.14 8.55 0.37
CA ARG A 26 1.57 9.95 0.63
C ARG A 26 1.29 10.28 2.10
N GLU A 27 0.19 9.83 2.62
CA GLU A 27 -0.14 10.10 4.04
C GLU A 27 0.66 9.16 4.94
N SER A 28 1.44 8.28 4.34
CA SER A 28 2.25 7.33 5.15
C SER A 28 1.33 6.41 5.95
N ARG A 29 0.23 5.99 5.37
CA ARG A 29 -0.71 5.09 6.10
C ARG A 29 -0.29 3.64 5.85
N ILE A 30 0.88 3.45 5.31
CA ILE A 30 1.38 2.07 5.03
C ILE A 30 2.88 2.03 5.34
N PHE A 31 3.43 0.87 5.59
CA PHE A 31 4.90 0.82 5.88
C PHE A 31 5.40 -0.64 5.83
N PRO A 32 6.54 -0.92 5.22
CA PRO A 32 7.43 0.09 4.54
C PRO A 32 6.83 0.53 3.19
N PRO A 33 7.26 1.66 2.68
CA PRO A 33 6.74 2.18 1.38
C PRO A 33 7.18 1.29 0.20
N PRO A 34 6.50 1.39 -0.91
CA PRO A 34 6.82 0.59 -2.12
C PRO A 34 8.10 1.08 -2.81
N VAL A 35 8.50 0.43 -3.87
CA VAL A 35 9.74 0.86 -4.57
C VAL A 35 9.41 1.97 -5.57
N LYS A 36 10.06 3.09 -5.46
CA LYS A 36 9.82 4.22 -6.39
C LYS A 36 10.46 3.87 -7.73
N ASP A 37 9.92 2.93 -8.44
CA ASP A 37 10.53 2.54 -9.75
C ASP A 37 10.36 3.68 -10.76
N GLY A 38 10.95 4.81 -10.51
CA GLY A 38 10.84 5.96 -11.47
C GLY A 38 9.39 6.44 -11.54
N ARG A 39 8.46 5.55 -11.76
CA ARG A 39 7.03 5.96 -11.86
C ARG A 39 6.11 4.88 -11.29
N GLU A 40 6.51 3.64 -11.34
CA GLU A 40 5.63 2.54 -10.79
C GLU A 40 5.90 2.37 -9.30
N TYR A 41 5.18 1.47 -8.69
CA TYR A 41 5.34 1.25 -7.21
C TYR A 41 5.20 -0.24 -6.88
N LEU A 42 6.26 -0.86 -6.43
CA LEU A 42 6.18 -2.32 -6.08
C LEU A 42 5.84 -2.45 -4.60
N PHE A 43 4.75 -3.10 -4.28
CA PHE A 43 4.36 -3.26 -2.85
C PHE A 43 4.96 -4.55 -2.30
N HIS A 44 6.13 -4.47 -1.72
CA HIS A 44 6.78 -5.69 -1.17
C HIS A 44 5.83 -6.37 -0.18
N GLU A 45 5.83 -7.67 -0.14
CA GLU A 45 4.92 -8.39 0.80
C GLU A 45 5.10 -7.81 2.21
N SER A 46 6.09 -6.99 2.40
CA SER A 46 6.32 -6.39 3.75
C SER A 46 5.36 -5.23 3.97
N ALA A 47 4.85 -4.64 2.92
CA ALA A 47 3.91 -3.50 3.10
C ALA A 47 2.68 -3.99 3.86
N VAL A 48 2.13 -3.16 4.71
CA VAL A 48 0.95 -3.57 5.49
C VAL A 48 0.13 -2.33 5.87
N LYS A 49 -1.14 -2.49 6.09
CA LYS A 49 -1.98 -1.33 6.49
C LYS A 49 -1.75 -1.05 7.97
N VAL A 50 -1.99 0.17 8.40
CA VAL A 50 -1.77 0.53 9.83
C VAL A 50 -2.93 1.41 10.32
N ASP A 51 -3.37 1.19 11.54
CA ASP A 51 -4.49 2.00 12.09
C ASP A 51 -4.39 2.00 13.61
N LEU A 52 -4.56 0.86 14.22
CA LEU A 52 -4.48 0.78 15.70
C LEU A 52 -5.46 1.78 16.32
N ASN A 53 -6.71 1.69 15.97
CA ASN A 53 -7.71 2.64 16.54
C ASN A 53 -7.90 2.35 18.03
N ARG A 54 -7.07 1.52 18.60
CA ARG A 54 -7.20 1.19 20.05
C ARG A 54 -8.62 0.71 20.34
N PRO A 55 -8.93 -0.50 19.93
CA PRO A 55 -10.28 -1.11 20.16
C PRO A 55 -10.76 -0.93 21.60
N MET A 1 6.58 -13.59 -1.59
CA MET A 1 7.93 -13.04 -1.87
C MET A 1 7.80 -11.58 -2.31
N TYR A 2 6.84 -11.29 -3.15
CA TYR A 2 6.67 -9.89 -3.62
C TYR A 2 5.31 -9.75 -4.32
N LEU A 3 4.52 -8.78 -3.92
CA LEU A 3 3.17 -8.58 -4.55
C LEU A 3 3.12 -7.19 -5.18
N THR A 4 2.22 -6.99 -6.11
CA THR A 4 2.11 -5.65 -6.77
C THR A 4 0.95 -4.88 -6.13
N LEU A 5 0.88 -3.59 -6.36
CA LEU A 5 -0.23 -2.80 -5.76
C LEU A 5 -1.56 -3.52 -5.97
N GLN A 6 -1.91 -3.78 -7.21
CA GLN A 6 -3.19 -4.48 -7.50
C GLN A 6 -3.34 -5.68 -6.56
N GLU A 7 -2.33 -6.50 -6.45
CA GLU A 7 -2.43 -7.69 -5.55
C GLU A 7 -2.40 -7.22 -4.08
N TRP A 8 -1.64 -6.19 -3.81
CA TRP A 8 -1.57 -5.67 -2.42
C TRP A 8 -2.99 -5.44 -1.89
N ASN A 9 -3.77 -4.66 -2.58
CA ASN A 9 -5.16 -4.40 -2.13
C ASN A 9 -5.98 -5.69 -2.25
N ALA A 10 -5.65 -6.52 -3.20
CA ALA A 10 -6.42 -7.79 -3.37
C ALA A 10 -6.32 -8.62 -2.09
N ARG A 11 -5.44 -8.22 -1.19
CA ARG A 11 -5.30 -8.98 0.08
C ARG A 11 -6.36 -8.52 1.07
N GLN A 12 -6.70 -7.26 1.04
CA GLN A 12 -7.75 -6.75 1.97
C GLN A 12 -9.12 -7.19 1.44
N ARG A 13 -9.99 -7.60 2.33
CA ARG A 13 -11.34 -8.05 1.88
C ARG A 13 -12.25 -6.83 1.70
N ARG A 14 -11.75 -5.65 1.97
CA ARG A 14 -12.59 -4.43 1.81
C ARG A 14 -11.72 -3.22 1.45
N PRO A 15 -11.06 -3.27 0.32
CA PRO A 15 -10.18 -2.17 -0.14
C PRO A 15 -10.98 -1.04 -0.81
N ARG A 16 -10.32 -0.15 -1.51
CA ARG A 16 -11.02 0.97 -2.19
C ARG A 16 -10.32 1.26 -3.53
N SER A 17 -10.47 2.44 -4.06
CA SER A 17 -9.83 2.78 -5.35
C SER A 17 -8.31 2.80 -5.20
N LEU A 18 -7.60 2.64 -6.27
CA LEU A 18 -6.12 2.66 -6.18
C LEU A 18 -5.65 4.09 -5.88
N GLU A 19 -6.42 5.07 -6.27
CA GLU A 19 -6.04 6.47 -5.98
C GLU A 19 -6.19 6.73 -4.49
N THR A 20 -7.08 6.02 -3.85
CA THR A 20 -7.25 6.21 -2.39
C THR A 20 -5.96 5.74 -1.71
N VAL A 21 -5.38 4.68 -2.23
CA VAL A 21 -4.11 4.18 -1.63
C VAL A 21 -3.01 5.22 -1.88
N ARG A 22 -3.02 5.88 -3.00
CA ARG A 22 -1.96 6.90 -3.27
C ARG A 22 -1.93 7.90 -2.11
N ARG A 23 -3.07 8.27 -1.59
CA ARG A 23 -3.08 9.23 -0.47
C ARG A 23 -2.46 8.56 0.76
N TRP A 24 -2.70 7.29 0.94
CA TRP A 24 -2.12 6.59 2.11
C TRP A 24 -0.61 6.74 2.08
N VAL A 25 0.00 6.43 0.98
CA VAL A 25 1.49 6.55 0.89
C VAL A 25 1.90 7.99 1.19
N ARG A 26 1.39 8.94 0.46
CA ARG A 26 1.75 10.35 0.72
C ARG A 26 1.59 10.65 2.21
N GLU A 27 0.54 10.15 2.82
CA GLU A 27 0.32 10.40 4.26
C GLU A 27 1.20 9.46 5.09
N SER A 28 1.86 8.53 4.45
CA SER A 28 2.74 7.59 5.18
C SER A 28 1.90 6.65 6.04
N ARG A 29 0.75 6.27 5.56
CA ARG A 29 -0.13 5.34 6.34
C ARG A 29 0.25 3.89 6.01
N ILE A 30 1.41 3.69 5.44
CA ILE A 30 1.85 2.30 5.09
C ILE A 30 3.34 2.16 5.39
N PHE A 31 3.82 0.95 5.54
CA PHE A 31 5.28 0.75 5.81
C PHE A 31 5.66 -0.71 5.50
N PRO A 32 6.81 -0.97 4.91
CA PRO A 32 7.82 0.06 4.50
C PRO A 32 7.46 0.68 3.14
N PRO A 33 7.78 1.93 2.90
CA PRO A 33 7.46 2.60 1.60
C PRO A 33 7.72 1.66 0.39
N PRO A 34 6.98 1.79 -0.68
CA PRO A 34 7.15 0.94 -1.89
C PRO A 34 8.37 1.37 -2.71
N VAL A 35 8.70 0.63 -3.74
CA VAL A 35 9.87 1.00 -4.59
C VAL A 35 9.39 1.97 -5.69
N LYS A 36 9.82 3.19 -5.65
CA LYS A 36 9.40 4.17 -6.69
C LYS A 36 10.11 3.83 -7.99
N ASP A 37 9.67 2.79 -8.66
CA ASP A 37 10.32 2.39 -9.93
C ASP A 37 10.12 3.49 -10.99
N GLY A 38 10.71 4.63 -10.78
CA GLY A 38 10.57 5.73 -11.77
C GLY A 38 9.13 6.24 -11.80
N ARG A 39 8.17 5.36 -11.90
CA ARG A 39 6.74 5.81 -11.94
C ARG A 39 5.83 4.79 -11.25
N GLU A 40 6.19 3.53 -11.25
CA GLU A 40 5.33 2.51 -10.59
C GLU A 40 5.70 2.38 -9.11
N TYR A 41 5.04 1.49 -8.43
CA TYR A 41 5.31 1.29 -6.98
C TYR A 41 5.15 -0.20 -6.63
N LEU A 42 6.23 -0.88 -6.40
CA LEU A 42 6.15 -2.34 -6.06
C LEU A 42 5.78 -2.48 -4.58
N PHE A 43 4.69 -3.13 -4.29
CA PHE A 43 4.26 -3.30 -2.87
C PHE A 43 4.75 -4.67 -2.35
N HIS A 44 5.86 -4.68 -1.67
CA HIS A 44 6.38 -5.97 -1.13
C HIS A 44 5.42 -6.51 -0.07
N GLU A 45 5.35 -7.80 0.07
CA GLU A 45 4.44 -8.40 1.08
C GLU A 45 4.67 -7.72 2.44
N SER A 46 5.72 -6.95 2.56
CA SER A 46 6.00 -6.28 3.85
C SER A 46 5.19 -4.99 3.96
N ALA A 47 4.56 -4.56 2.89
CA ALA A 47 3.76 -3.31 2.94
C ALA A 47 2.43 -3.60 3.64
N VAL A 48 2.04 -2.75 4.55
CA VAL A 48 0.76 -2.97 5.28
C VAL A 48 0.21 -1.62 5.74
N LYS A 49 -1.08 -1.46 5.75
CA LYS A 49 -1.67 -0.16 6.21
C LYS A 49 -1.68 -0.12 7.74
N VAL A 50 -1.17 0.93 8.30
CA VAL A 50 -1.13 1.05 9.78
C VAL A 50 -2.41 1.73 10.27
N ASP A 51 -2.73 1.59 11.54
CA ASP A 51 -3.97 2.22 12.08
C ASP A 51 -3.79 2.46 13.58
N LEU A 52 -4.26 1.55 14.39
CA LEU A 52 -4.12 1.72 15.86
C LEU A 52 -2.69 1.39 16.28
N ASN A 53 -1.77 1.39 15.34
CA ASN A 53 -0.36 1.07 15.67
C ASN A 53 0.30 2.29 16.32
N ARG A 54 -0.48 3.15 16.91
CA ARG A 54 0.09 4.37 17.56
C ARG A 54 -0.78 4.77 18.76
N PRO A 55 -0.89 3.89 19.73
CA PRO A 55 -1.70 4.16 20.95
C PRO A 55 -1.00 5.12 21.92
N MET A 1 8.05 -14.35 -1.89
CA MET A 1 6.67 -13.88 -2.20
C MET A 1 6.76 -12.52 -2.91
N TYR A 2 5.65 -12.03 -3.39
CA TYR A 2 5.66 -10.71 -4.10
C TYR A 2 4.22 -10.32 -4.44
N LEU A 3 3.84 -9.10 -4.13
CA LEU A 3 2.45 -8.65 -4.45
C LEU A 3 2.50 -7.20 -4.95
N THR A 4 2.10 -6.97 -6.16
CA THR A 4 2.12 -5.57 -6.70
C THR A 4 1.04 -4.75 -6.00
N LEU A 5 1.07 -3.45 -6.19
CA LEU A 5 0.04 -2.58 -5.53
C LEU A 5 -1.35 -3.19 -5.72
N GLN A 6 -1.77 -3.34 -6.95
CA GLN A 6 -3.11 -3.92 -7.22
C GLN A 6 -3.35 -5.15 -6.34
N GLU A 7 -2.68 -6.24 -6.61
CA GLU A 7 -2.88 -7.46 -5.79
C GLU A 7 -2.63 -7.14 -4.31
N TRP A 8 -1.54 -6.50 -4.01
CA TRP A 8 -1.24 -6.16 -2.59
C TRP A 8 -2.48 -5.57 -1.91
N ASN A 9 -3.22 -4.76 -2.62
CA ASN A 9 -4.44 -4.14 -2.01
C ASN A 9 -5.65 -5.06 -2.23
N ALA A 10 -5.74 -5.68 -3.38
CA ALA A 10 -6.90 -6.57 -3.66
C ALA A 10 -6.95 -7.69 -2.63
N ARG A 11 -5.87 -7.95 -1.94
CA ARG A 11 -5.86 -9.05 -0.92
C ARG A 11 -6.28 -8.49 0.44
N GLN A 12 -6.55 -7.23 0.53
CA GLN A 12 -6.97 -6.64 1.84
C GLN A 12 -8.42 -7.05 2.13
N ARG A 13 -8.83 -6.95 3.36
CA ARG A 13 -10.22 -7.35 3.70
C ARG A 13 -11.18 -6.20 3.35
N ARG A 14 -10.67 -5.01 3.18
CA ARG A 14 -11.57 -3.86 2.85
C ARG A 14 -10.78 -2.79 2.07
N PRO A 15 -10.49 -3.04 0.83
CA PRO A 15 -9.74 -2.07 -0.03
C PRO A 15 -10.67 -1.01 -0.63
N ARG A 16 -10.15 -0.21 -1.53
CA ARG A 16 -10.99 0.86 -2.17
C ARG A 16 -10.46 1.14 -3.57
N SER A 17 -10.25 2.38 -3.90
CA SER A 17 -9.72 2.72 -5.26
C SER A 17 -8.20 2.83 -5.21
N LEU A 18 -7.56 2.83 -6.33
CA LEU A 18 -6.07 2.92 -6.35
C LEU A 18 -5.64 4.33 -6.01
N GLU A 19 -6.13 5.31 -6.74
CA GLU A 19 -5.74 6.71 -6.43
C GLU A 19 -5.98 6.99 -4.96
N THR A 20 -6.91 6.29 -4.37
CA THR A 20 -7.17 6.50 -2.92
C THR A 20 -5.94 6.01 -2.15
N VAL A 21 -5.35 4.93 -2.59
CA VAL A 21 -4.14 4.42 -1.90
C VAL A 21 -3.02 5.44 -2.08
N ARG A 22 -2.91 6.05 -3.24
CA ARG A 22 -1.83 7.05 -3.44
C ARG A 22 -1.93 8.09 -2.31
N ARG A 23 -3.12 8.42 -1.89
CA ARG A 23 -3.27 9.40 -0.79
C ARG A 23 -2.75 8.76 0.50
N TRP A 24 -3.03 7.50 0.69
CA TRP A 24 -2.56 6.82 1.92
C TRP A 24 -1.03 6.94 2.01
N VAL A 25 -0.35 6.63 0.94
CA VAL A 25 1.14 6.71 0.96
C VAL A 25 1.55 8.14 1.33
N ARG A 26 0.78 9.11 0.94
CA ARG A 26 1.14 10.51 1.30
C ARG A 26 0.88 10.73 2.78
N GLU A 27 -0.15 10.12 3.31
CA GLU A 27 -0.45 10.27 4.76
C GLU A 27 0.48 9.35 5.56
N SER A 28 1.15 8.45 4.88
CA SER A 28 2.08 7.52 5.57
C SER A 28 1.29 6.52 6.43
N ARG A 29 0.21 5.98 5.92
CA ARG A 29 -0.59 4.99 6.70
C ARG A 29 -0.03 3.60 6.44
N ILE A 30 0.54 3.40 5.29
CA ILE A 30 1.12 2.05 4.95
C ILE A 30 2.62 2.08 5.23
N PHE A 31 3.22 0.95 5.44
CA PHE A 31 4.69 0.94 5.71
C PHE A 31 5.21 -0.52 5.69
N PRO A 32 6.37 -0.79 5.10
CA PRO A 32 7.26 0.21 4.41
C PRO A 32 6.67 0.64 3.06
N PRO A 33 7.17 1.71 2.49
CA PRO A 33 6.70 2.22 1.18
C PRO A 33 7.19 1.35 0.02
N PRO A 34 6.53 1.39 -1.12
CA PRO A 34 6.93 0.60 -2.31
C PRO A 34 8.16 1.19 -3.02
N VAL A 35 8.73 0.47 -3.94
CA VAL A 35 9.93 1.01 -4.66
C VAL A 35 9.45 1.94 -5.78
N LYS A 36 9.89 3.17 -5.75
CA LYS A 36 9.50 4.14 -6.80
C LYS A 36 10.32 3.85 -8.05
N ASP A 37 10.04 2.76 -8.72
CA ASP A 37 10.81 2.43 -9.94
C ASP A 37 10.56 3.48 -11.03
N GLY A 38 10.98 4.69 -10.82
CA GLY A 38 10.77 5.75 -11.84
C GLY A 38 9.29 6.11 -11.93
N ARG A 39 8.44 5.14 -12.13
CA ARG A 39 6.97 5.44 -12.24
C ARG A 39 6.15 4.29 -11.65
N GLU A 40 6.69 3.10 -11.61
CA GLU A 40 5.92 1.95 -11.04
C GLU A 40 6.11 1.89 -9.53
N TYR A 41 5.39 1.01 -8.89
CA TYR A 41 5.49 0.89 -7.40
C TYR A 41 5.37 -0.58 -6.99
N LEU A 42 6.44 -1.17 -6.52
CA LEU A 42 6.40 -2.61 -6.12
C LEU A 42 6.01 -2.71 -4.64
N PHE A 43 4.88 -3.31 -4.34
CA PHE A 43 4.45 -3.45 -2.91
C PHE A 43 4.94 -4.80 -2.38
N HIS A 44 6.17 -4.87 -1.98
CA HIS A 44 6.71 -6.15 -1.44
C HIS A 44 5.79 -6.68 -0.33
N GLU A 45 5.90 -7.93 -0.01
CA GLU A 45 5.03 -8.50 1.06
C GLU A 45 5.33 -7.80 2.39
N SER A 46 6.24 -6.87 2.38
CA SER A 46 6.58 -6.15 3.64
C SER A 46 5.60 -5.00 3.88
N ALA A 47 4.91 -4.57 2.85
CA ALA A 47 3.95 -3.46 3.03
C ALA A 47 2.73 -3.96 3.80
N VAL A 48 2.15 -3.13 4.60
CA VAL A 48 0.95 -3.56 5.39
C VAL A 48 0.11 -2.35 5.75
N LYS A 49 -1.15 -2.56 6.04
CA LYS A 49 -2.04 -1.42 6.41
C LYS A 49 -1.82 -1.06 7.89
N VAL A 50 -2.10 0.15 8.27
CA VAL A 50 -1.91 0.57 9.69
C VAL A 50 -2.99 1.57 10.08
N ASP A 51 -3.21 1.75 11.36
CA ASP A 51 -4.24 2.71 11.82
C ASP A 51 -4.02 3.00 13.30
N LEU A 52 -4.89 2.48 14.15
CA LEU A 52 -4.73 2.70 15.62
C LEU A 52 -4.91 1.36 16.35
N ASN A 53 -5.68 0.46 15.78
CA ASN A 53 -5.90 -0.85 16.44
C ASN A 53 -6.16 -1.91 15.36
N ARG A 54 -6.97 -1.60 14.40
CA ARG A 54 -7.27 -2.58 13.31
C ARG A 54 -8.28 -1.96 12.32
N PRO A 55 -9.36 -1.41 12.80
CA PRO A 55 -10.39 -0.78 11.92
C PRO A 55 -9.77 0.20 10.89
#